data_5HIX
# 
_entry.id   5HIX 
# 
_audit_conform.dict_name       mmcif_pdbx.dic 
_audit_conform.dict_version    5.383 
_audit_conform.dict_location   http://mmcif.pdb.org/dictionaries/ascii/mmcif_pdbx.dic 
# 
loop_
_database_2.database_id 
_database_2.database_code 
_database_2.pdbx_database_accession 
_database_2.pdbx_DOI 
PDB   5HIX         pdb_00005hix 10.2210/pdb5hix/pdb 
WWPDB D_1000217094 ?            ?                   
# 
loop_
_pdbx_audit_revision_history.ordinal 
_pdbx_audit_revision_history.data_content_type 
_pdbx_audit_revision_history.major_revision 
_pdbx_audit_revision_history.minor_revision 
_pdbx_audit_revision_history.revision_date 
1 'Structure model' 1 0 2016-11-02 
2 'Structure model' 1 1 2024-01-10 
# 
_pdbx_audit_revision_details.ordinal             1 
_pdbx_audit_revision_details.revision_ordinal    1 
_pdbx_audit_revision_details.data_content_type   'Structure model' 
_pdbx_audit_revision_details.provider            repository 
_pdbx_audit_revision_details.type                'Initial release' 
_pdbx_audit_revision_details.description         ? 
_pdbx_audit_revision_details.details             ? 
# 
loop_
_pdbx_audit_revision_group.ordinal 
_pdbx_audit_revision_group.revision_ordinal 
_pdbx_audit_revision_group.data_content_type 
_pdbx_audit_revision_group.group 
1 2 'Structure model' 'Data collection'        
2 2 'Structure model' 'Database references'    
3 2 'Structure model' 'Derived calculations'   
4 2 'Structure model' 'Refinement description' 
# 
loop_
_pdbx_audit_revision_category.ordinal 
_pdbx_audit_revision_category.revision_ordinal 
_pdbx_audit_revision_category.data_content_type 
_pdbx_audit_revision_category.category 
1 2 'Structure model' chem_comp_atom                
2 2 'Structure model' chem_comp_bond                
3 2 'Structure model' database_2                    
4 2 'Structure model' pdbx_initial_refinement_model 
5 2 'Structure model' struct_conn                   
# 
loop_
_pdbx_audit_revision_item.ordinal 
_pdbx_audit_revision_item.revision_ordinal 
_pdbx_audit_revision_item.data_content_type 
_pdbx_audit_revision_item.item 
1  2 'Structure model' '_database_2.pdbx_DOI'                
2  2 'Structure model' '_database_2.pdbx_database_accession' 
3  2 'Structure model' '_struct_conn.pdbx_dist_value'        
4  2 'Structure model' '_struct_conn.ptnr1_auth_asym_id'     
5  2 'Structure model' '_struct_conn.ptnr1_auth_comp_id'     
6  2 'Structure model' '_struct_conn.ptnr1_auth_seq_id'      
7  2 'Structure model' '_struct_conn.ptnr1_label_asym_id'    
8  2 'Structure model' '_struct_conn.ptnr1_label_atom_id'    
9  2 'Structure model' '_struct_conn.ptnr1_label_comp_id'    
10 2 'Structure model' '_struct_conn.ptnr1_label_seq_id'     
11 2 'Structure model' '_struct_conn.ptnr2_auth_asym_id'     
12 2 'Structure model' '_struct_conn.ptnr2_auth_comp_id'     
13 2 'Structure model' '_struct_conn.ptnr2_auth_seq_id'      
14 2 'Structure model' '_struct_conn.ptnr2_label_asym_id'    
15 2 'Structure model' '_struct_conn.ptnr2_label_atom_id'    
16 2 'Structure model' '_struct_conn.ptnr2_label_comp_id'    
17 2 'Structure model' '_struct_conn.ptnr2_label_seq_id'     
# 
_pdbx_database_status.status_code                     REL 
_pdbx_database_status.status_code_sf                  REL 
_pdbx_database_status.status_code_mr                  ? 
_pdbx_database_status.entry_id                        5HIX 
_pdbx_database_status.recvd_initial_deposition_date   2016-01-12 
_pdbx_database_status.SG_entry                        N 
_pdbx_database_status.deposit_site                    RCSB 
_pdbx_database_status.process_site                    PDBE 
_pdbx_database_status.status_code_cs                  ? 
_pdbx_database_status.methods_development_category    ? 
_pdbx_database_status.pdb_format_compatible           Y 
_pdbx_database_status.status_code_nmr_data            ? 
# 
loop_
_audit_author.name 
_audit_author.pdbx_ordinal 
'Mandal, P.K.'             1 
'Baptiste, B.'             2 
;Langlois d'Estaintot, B.
;
3 
'Kauffmann, B.'            4 
'Huc, I.'                  5 
# 
_citation.abstract                  ? 
_citation.abstract_id_CAS           ? 
_citation.book_id_ISBN              ? 
_citation.book_publisher            ? 
_citation.book_publisher_city       ? 
_citation.book_title                ? 
_citation.coordinate_linkage        ? 
_citation.country                   GE 
_citation.database_id_Medline       ? 
_citation.details                   ? 
_citation.id                        primary 
_citation.journal_abbrev            Chembiochem 
_citation.journal_id_ASTM           ? 
_citation.journal_id_CSD            ? 
_citation.journal_id_ISSN           1439-7633 
_citation.journal_full              ? 
_citation.journal_issue             ? 
_citation.journal_volume            17 
_citation.language                  ? 
_citation.page_first                1911 
_citation.page_last                 1914 
_citation.title                     
'Multivalent Interactions between an Aromatic Helical Foldamer and a DNA G-Quadruplex in the Solid State.' 
_citation.year                      2016 
_citation.database_id_CSD           ? 
_citation.pdbx_database_id_DOI      10.1002/cbic.201600281 
_citation.pdbx_database_id_PubMed   27472456 
_citation.unpublished_flag          ? 
# 
loop_
_citation_author.citation_id 
_citation_author.name 
_citation_author.ordinal 
_citation_author.identifier_ORCID 
primary 'Mandal, P.K.'             1 ? 
primary 'Baptiste, B.'             2 ? 
primary 
;Langlois d'Estaintot, B.
;
3 ? 
primary 'Kauffmann, B.'            4 ? 
primary 'Huc, I.'                  5 ? 
# 
loop_
_entity.id 
_entity.type 
_entity.src_method 
_entity.pdbx_description 
_entity.formula_weight 
_entity.pdbx_number_of_molecules 
_entity.pdbx_ec 
_entity.pdbx_mutation 
_entity.pdbx_fragment 
_entity.details 
1 polymer     syn 'Dimeric G-quadruplex' 3805.460 2  ? ? ? ? 
2 non-polymer syn 'POTASSIUM ION' 39.098   4  ? ? ? ? 
3 non-polymer syn 
;4-(3-aminopropoxy)-8-({[4-(3-aminopropoxy)-8-({[4-(3-aminopropoxy)-8-({[4-(3-aminopropoxy)-8-nitroquinolin-2-yl]carbonyl}amino)quinolin-2-yl]carbonyl}amino)quinolin-2-yl]carbonyl}amino)quinoline-2-carboxylic acid
;
1021.043 1  ? ? ? ? 
4 water       nat water 18.015   10 ? ? ? ? 
# 
_entity_poly.entity_id                      1 
_entity_poly.type                           polydeoxyribonucleotide 
_entity_poly.nstd_linkage                   no 
_entity_poly.nstd_monomer                   no 
_entity_poly.pdbx_seq_one_letter_code       '(DG)(DG)(DG)(DG)(DT)(DT)(DT)(DT)(DG)(DG)(DG)(DG)' 
_entity_poly.pdbx_seq_one_letter_code_can   GGGGTTTTGGGG 
_entity_poly.pdbx_strand_id                 A,B 
_entity_poly.pdbx_target_identifier         ? 
# 
loop_
_pdbx_entity_nonpoly.entity_id 
_pdbx_entity_nonpoly.name 
_pdbx_entity_nonpoly.comp_id 
2 'POTASSIUM ION' K   
3 
;4-(3-aminopropoxy)-8-({[4-(3-aminopropoxy)-8-({[4-(3-aminopropoxy)-8-({[4-(3-aminopropoxy)-8-nitroquinolin-2-yl]carbonyl}amino)quinolin-2-yl]carbonyl}amino)quinolin-2-yl]carbonyl}amino)quinoline-2-carboxylic acid
;
61Q 
4 water HOH 
# 
loop_
_entity_poly_seq.entity_id 
_entity_poly_seq.num 
_entity_poly_seq.mon_id 
_entity_poly_seq.hetero 
1 1  DG n 
1 2  DG n 
1 3  DG n 
1 4  DG n 
1 5  DT n 
1 6  DT n 
1 7  DT n 
1 8  DT n 
1 9  DG n 
1 10 DG n 
1 11 DG n 
1 12 DG n 
# 
_pdbx_entity_src_syn.entity_id              1 
_pdbx_entity_src_syn.pdbx_src_id            1 
_pdbx_entity_src_syn.pdbx_alt_source_flag   sample 
_pdbx_entity_src_syn.pdbx_beg_seq_num       1 
_pdbx_entity_src_syn.pdbx_end_seq_num       12 
_pdbx_entity_src_syn.organism_scientific    'synthetic construct' 
_pdbx_entity_src_syn.organism_common_name   ? 
_pdbx_entity_src_syn.ncbi_taxonomy_id       32630 
_pdbx_entity_src_syn.details                'Oxytricha Nova' 
# 
loop_
_chem_comp.id 
_chem_comp.type 
_chem_comp.mon_nstd_flag 
_chem_comp.name 
_chem_comp.pdbx_synonyms 
_chem_comp.formula 
_chem_comp.formula_weight 
61Q non-polymer   . 
;4-(3-aminopropoxy)-8-({[4-(3-aminopropoxy)-8-({[4-(3-aminopropoxy)-8-({[4-(3-aminopropoxy)-8-nitroquinolin-2-yl]carbonyl}amino)quinolin-2-yl]carbonyl}amino)quinolin-2-yl]carbonyl}amino)quinoline-2-carboxylic acid
;
? 'C52 H52 N12 O11' 1021.043 
DG  'DNA linking' y "2'-DEOXYGUANOSINE-5'-MONOPHOSPHATE" ? 'C10 H14 N5 O7 P' 347.221  
DT  'DNA linking' y "THYMIDINE-5'-MONOPHOSPHATE" ? 'C10 H15 N2 O8 P' 322.208  
HOH non-polymer   . WATER ? 'H2 O'            18.015   
K   non-polymer   . 'POTASSIUM ION' ? 'K 1'             39.098   
# 
loop_
_pdbx_poly_seq_scheme.asym_id 
_pdbx_poly_seq_scheme.entity_id 
_pdbx_poly_seq_scheme.seq_id 
_pdbx_poly_seq_scheme.mon_id 
_pdbx_poly_seq_scheme.ndb_seq_num 
_pdbx_poly_seq_scheme.pdb_seq_num 
_pdbx_poly_seq_scheme.auth_seq_num 
_pdbx_poly_seq_scheme.pdb_mon_id 
_pdbx_poly_seq_scheme.auth_mon_id 
_pdbx_poly_seq_scheme.pdb_strand_id 
_pdbx_poly_seq_scheme.pdb_ins_code 
_pdbx_poly_seq_scheme.hetero 
A 1 1  DG 1  1  1  DG DG A . n 
A 1 2  DG 2  2  2  DG DG A . n 
A 1 3  DG 3  3  3  DG DG A . n 
A 1 4  DG 4  4  4  DG DG A . n 
A 1 5  DT 5  5  5  DT DT A . n 
A 1 6  DT 6  6  6  DT DT A . n 
A 1 7  DT 7  7  7  DT DT A . n 
A 1 8  DT 8  8  8  DT DT A . n 
A 1 9  DG 9  9  9  DG DG A . n 
A 1 10 DG 10 10 10 DG DG A . n 
A 1 11 DG 11 11 11 DG DG A . n 
A 1 12 DG 12 12 12 DG DG A . n 
B 1 1  DG 1  1  1  DG DG B . n 
B 1 2  DG 2  2  2  DG DG B . n 
B 1 3  DG 3  3  3  DG DG B . n 
B 1 4  DG 4  4  4  DG DG B . n 
B 1 5  DT 5  5  5  DT DT B . n 
B 1 6  DT 6  6  6  DT DT B . n 
B 1 7  DT 7  7  7  DT DT B . n 
B 1 8  DT 8  8  8  DT DT B . n 
B 1 9  DG 9  9  9  DG DG B . n 
B 1 10 DG 10 10 10 DG DG B . n 
B 1 11 DG 11 11 11 DG DG B . n 
B 1 12 DG 12 12 12 DG DG B . n 
# 
loop_
_pdbx_nonpoly_scheme.asym_id 
_pdbx_nonpoly_scheme.entity_id 
_pdbx_nonpoly_scheme.mon_id 
_pdbx_nonpoly_scheme.ndb_seq_num 
_pdbx_nonpoly_scheme.pdb_seq_num 
_pdbx_nonpoly_scheme.auth_seq_num 
_pdbx_nonpoly_scheme.pdb_mon_id 
_pdbx_nonpoly_scheme.auth_mon_id 
_pdbx_nonpoly_scheme.pdb_strand_id 
_pdbx_nonpoly_scheme.pdb_ins_code 
C 2 K   1 101 1  K   K   A . 
D 2 K   1 102 2  K   K   A . 
E 2 K   1 103 3  K   K   A . 
F 2 K   1 104 4  K   K   A . 
G 3 61Q 1 105 1  61Q UNK A . 
H 4 HOH 1 201 10 HOH HOH A . 
H 4 HOH 2 202 4  HOH HOH A . 
H 4 HOH 3 203 5  HOH HOH A . 
H 4 HOH 4 204 3  HOH HOH A . 
H 4 HOH 5 205 9  HOH HOH A . 
H 4 HOH 6 206 7  HOH HOH A . 
I 4 HOH 1 101 8  HOH HOH B . 
I 4 HOH 2 102 1  HOH HOH B . 
I 4 HOH 3 103 6  HOH HOH B . 
I 4 HOH 4 104 2  HOH HOH B . 
# 
loop_
_software.citation_id 
_software.classification 
_software.compiler_name 
_software.compiler_version 
_software.contact_author 
_software.contact_author_email 
_software.date 
_software.description 
_software.dependencies 
_software.hardware 
_software.language 
_software.location 
_software.mods 
_software.name 
_software.os 
_software.os_version 
_software.type 
_software.version 
_software.pdbx_ordinal 
? refinement       ? ? ? ? ? ? ? ? ? ? ? REFMAC ? ? ? 5.8.0049 1 
? 'data reduction' ? ? ? ? ? ? ? ? ? ? ? XDS    ? ? ? .        2 
? 'data scaling'   ? ? ? ? ? ? ? ? ? ? ? XDS    ? ? ? .        3 
? phasing          ? ? ? ? ? ? ? ? ? ? ? AMoRE  ? ? ? .        4 
# 
_cell.angle_alpha                  90.00 
_cell.angle_alpha_esd              ? 
_cell.angle_beta                   90.00 
_cell.angle_beta_esd               ? 
_cell.angle_gamma                  90.00 
_cell.angle_gamma_esd              ? 
_cell.entry_id                     5HIX 
_cell.details                      ? 
_cell.formula_units_Z              ? 
_cell.length_a                     31.701 
_cell.length_a_esd                 ? 
_cell.length_b                     31.701 
_cell.length_b_esd                 ? 
_cell.length_c                     97.373 
_cell.length_c_esd                 ? 
_cell.volume                       ? 
_cell.volume_esd                   ? 
_cell.Z_PDB                        8 
_cell.reciprocal_angle_alpha       ? 
_cell.reciprocal_angle_beta        ? 
_cell.reciprocal_angle_gamma       ? 
_cell.reciprocal_angle_alpha_esd   ? 
_cell.reciprocal_angle_beta_esd    ? 
_cell.reciprocal_angle_gamma_esd   ? 
_cell.reciprocal_length_a          ? 
_cell.reciprocal_length_b          ? 
_cell.reciprocal_length_c          ? 
_cell.reciprocal_length_a_esd      ? 
_cell.reciprocal_length_b_esd      ? 
_cell.reciprocal_length_c_esd      ? 
_cell.pdbx_unique_axis             ? 
# 
_symmetry.entry_id                         5HIX 
_symmetry.cell_setting                     ? 
_symmetry.Int_Tables_number                76 
_symmetry.space_group_name_Hall            ? 
_symmetry.space_group_name_H-M             'P 41' 
_symmetry.pdbx_full_space_group_name_H-M   ? 
# 
_exptl.absorpt_coefficient_mu     ? 
_exptl.absorpt_correction_T_max   ? 
_exptl.absorpt_correction_T_min   ? 
_exptl.absorpt_correction_type    ? 
_exptl.absorpt_process_details    ? 
_exptl.entry_id                   5HIX 
_exptl.crystals_number            ? 
_exptl.details                    ? 
_exptl.method                     'X-RAY DIFFRACTION' 
_exptl.method_details             ? 
# 
_exptl_crystal.colour                      ? 
_exptl_crystal.density_diffrn              ? 
_exptl_crystal.density_Matthews            2.54 
_exptl_crystal.density_method              ? 
_exptl_crystal.density_percent_sol         67 
_exptl_crystal.description                 ? 
_exptl_crystal.F_000                       ? 
_exptl_crystal.id                          1 
_exptl_crystal.preparation                 ? 
_exptl_crystal.size_max                    ? 
_exptl_crystal.size_mid                    ? 
_exptl_crystal.size_min                    ? 
_exptl_crystal.size_rad                    ? 
_exptl_crystal.colour_lustre               ? 
_exptl_crystal.colour_modifier             ? 
_exptl_crystal.colour_primary              ? 
_exptl_crystal.density_meas                ? 
_exptl_crystal.density_meas_esd            ? 
_exptl_crystal.density_meas_gt             ? 
_exptl_crystal.density_meas_lt             ? 
_exptl_crystal.density_meas_temp           ? 
_exptl_crystal.density_meas_temp_esd       ? 
_exptl_crystal.density_meas_temp_gt        ? 
_exptl_crystal.density_meas_temp_lt        ? 
_exptl_crystal.pdbx_crystal_image_url      ? 
_exptl_crystal.pdbx_crystal_image_format   ? 
_exptl_crystal.pdbx_mosaicity              ? 
_exptl_crystal.pdbx_mosaicity_esd          ? 
# 
_exptl_crystal_grow.apparatus       ? 
_exptl_crystal_grow.atmosphere      ? 
_exptl_crystal_grow.crystal_id      1 
_exptl_crystal_grow.details         ? 
_exptl_crystal_grow.method          'VAPOR DIFFUSION, HANGING DROP' 
_exptl_crystal_grow.method_ref      ? 
_exptl_crystal_grow.pH              7.0 
_exptl_crystal_grow.pressure        ? 
_exptl_crystal_grow.pressure_esd    ? 
_exptl_crystal_grow.seeding         ? 
_exptl_crystal_grow.seeding_ref     ? 
_exptl_crystal_grow.temp            293 
_exptl_crystal_grow.temp_details    ? 
_exptl_crystal_grow.temp_esd        ? 
_exptl_crystal_grow.time            ? 
_exptl_crystal_grow.pdbx_details    
;d(GGGGTTTTGGGG), 8-amino-2-quinolinecarboxylic acid,  potassium cacodylate, magnesium chloride, potassium chloride, spermine, 2-methyl-2,4-pentanediol (MPD)
;
_exptl_crystal_grow.pdbx_pH_range   7.0 
# 
_diffrn.ambient_environment    ? 
_diffrn.ambient_temp           100 
_diffrn.ambient_temp_details   ? 
_diffrn.ambient_temp_esd       ? 
_diffrn.crystal_id             1 
_diffrn.crystal_support        ? 
_diffrn.crystal_treatment      ? 
_diffrn.details                ? 
_diffrn.id                     1 
_diffrn.ambient_pressure       ? 
_diffrn.ambient_pressure_esd   ? 
_diffrn.ambient_pressure_gt    ? 
_diffrn.ambient_pressure_lt    ? 
_diffrn.ambient_temp_gt        ? 
_diffrn.ambient_temp_lt        ? 
# 
_diffrn_detector.details                      ? 
_diffrn_detector.detector                     CCD 
_diffrn_detector.diffrn_id                    1 
_diffrn_detector.type                         'ADSC QUANTUM 315r' 
_diffrn_detector.area_resol_mean              ? 
_diffrn_detector.dtime                        ? 
_diffrn_detector.pdbx_frames_total            ? 
_diffrn_detector.pdbx_collection_time_total   ? 
_diffrn_detector.pdbx_collection_date         2008-11-07 
# 
_diffrn_radiation.collimation                      ? 
_diffrn_radiation.diffrn_id                        1 
_diffrn_radiation.filter_edge                      ? 
_diffrn_radiation.inhomogeneity                    ? 
_diffrn_radiation.monochromator                    ? 
_diffrn_radiation.polarisn_norm                    ? 
_diffrn_radiation.polarisn_ratio                   ? 
_diffrn_radiation.probe                            ? 
_diffrn_radiation.type                             ? 
_diffrn_radiation.xray_symbol                      ? 
_diffrn_radiation.wavelength_id                    1 
_diffrn_radiation.pdbx_monochromatic_or_laue_m_l   M 
_diffrn_radiation.pdbx_wavelength_list             ? 
_diffrn_radiation.pdbx_wavelength                  ? 
_diffrn_radiation.pdbx_diffrn_protocol             'SINGLE WAVELENGTH' 
_diffrn_radiation.pdbx_analyzer                    ? 
_diffrn_radiation.pdbx_scattering_type             x-ray 
# 
_diffrn_radiation_wavelength.id           1 
_diffrn_radiation_wavelength.wavelength   0.9796 
_diffrn_radiation_wavelength.wt           1.0 
# 
_diffrn_source.current                     ? 
_diffrn_source.details                     ? 
_diffrn_source.diffrn_id                   1 
_diffrn_source.power                       ? 
_diffrn_source.size                        ? 
_diffrn_source.source                      SYNCHROTRON 
_diffrn_source.target                      ? 
_diffrn_source.type                        'ESRF BEAMLINE BM30A' 
_diffrn_source.voltage                     ? 
_diffrn_source.take-off_angle              ? 
_diffrn_source.pdbx_wavelength_list        0.9796 
_diffrn_source.pdbx_wavelength             ? 
_diffrn_source.pdbx_synchrotron_beamline   BM30A 
_diffrn_source.pdbx_synchrotron_site       ESRF 
# 
_reflns.B_iso_Wilson_estimate            ? 
_reflns.entry_id                         5HIX 
_reflns.data_reduction_details           ? 
_reflns.data_reduction_method            ? 
_reflns.d_resolution_high                2.48 
_reflns.d_resolution_low                 30.14 
_reflns.details                          ? 
_reflns.limit_h_max                      ? 
_reflns.limit_h_min                      ? 
_reflns.limit_k_max                      ? 
_reflns.limit_k_min                      ? 
_reflns.limit_l_max                      ? 
_reflns.limit_l_min                      ? 
_reflns.number_all                       ? 
_reflns.number_obs                       3345 
_reflns.observed_criterion               ? 
_reflns.observed_criterion_F_max         ? 
_reflns.observed_criterion_F_min         ? 
_reflns.observed_criterion_I_max         ? 
_reflns.observed_criterion_I_min         ? 
_reflns.observed_criterion_sigma_F       ? 
_reflns.observed_criterion_sigma_I       ? 
_reflns.percent_possible_obs             97.72 
_reflns.R_free_details                   ? 
_reflns.Rmerge_F_all                     ? 
_reflns.Rmerge_F_obs                     ? 
_reflns.Friedel_coverage                 ? 
_reflns.number_gt                        ? 
_reflns.threshold_expression             ? 
_reflns.pdbx_redundancy                  5.3 
_reflns.pdbx_Rmerge_I_obs                0.08 
_reflns.pdbx_Rmerge_I_all                ? 
_reflns.pdbx_Rsym_value                  ? 
_reflns.pdbx_netI_over_av_sigmaI         ? 
_reflns.pdbx_netI_over_sigmaI            12.06 
_reflns.pdbx_res_netI_over_av_sigmaI_2   ? 
_reflns.pdbx_res_netI_over_sigmaI_2      ? 
_reflns.pdbx_chi_squared                 ? 
_reflns.pdbx_scaling_rejects             ? 
_reflns.pdbx_d_res_high_opt              ? 
_reflns.pdbx_d_res_low_opt               ? 
_reflns.pdbx_d_res_opt_method            ? 
_reflns.phase_calculation_details        ? 
_reflns.pdbx_Rrim_I_all                  ? 
_reflns.pdbx_Rpim_I_all                  ? 
_reflns.pdbx_d_opt                       ? 
_reflns.pdbx_number_measured_all         ? 
_reflns.pdbx_diffrn_id                   1 
_reflns.pdbx_ordinal                     1 
_reflns.pdbx_CC_half                     ? 
_reflns.pdbx_R_split                     ? 
# 
_reflns_shell.d_res_high                  2.48 
_reflns_shell.d_res_low                   2.57 
_reflns_shell.meanI_over_sigI_all         ? 
_reflns_shell.meanI_over_sigI_obs         1.95 
_reflns_shell.number_measured_all         ? 
_reflns_shell.number_measured_obs         ? 
_reflns_shell.number_possible             ? 
_reflns_shell.number_unique_all           ? 
_reflns_shell.number_unique_obs           ? 
_reflns_shell.percent_possible_all        88.62 
_reflns_shell.percent_possible_obs        ? 
_reflns_shell.Rmerge_F_all                ? 
_reflns_shell.Rmerge_F_obs                ? 
_reflns_shell.Rmerge_I_all                ? 
_reflns_shell.Rmerge_I_obs                0.87 
_reflns_shell.meanI_over_sigI_gt          ? 
_reflns_shell.meanI_over_uI_all           ? 
_reflns_shell.meanI_over_uI_gt            ? 
_reflns_shell.number_measured_gt          ? 
_reflns_shell.number_unique_gt            ? 
_reflns_shell.percent_possible_gt         ? 
_reflns_shell.Rmerge_F_gt                 ? 
_reflns_shell.Rmerge_I_gt                 ? 
_reflns_shell.pdbx_redundancy             5.4 
_reflns_shell.pdbx_Rsym_value             ? 
_reflns_shell.pdbx_chi_squared            ? 
_reflns_shell.pdbx_netI_over_sigmaI_all   ? 
_reflns_shell.pdbx_netI_over_sigmaI_obs   ? 
_reflns_shell.pdbx_Rrim_I_all             ? 
_reflns_shell.pdbx_Rpim_I_all             ? 
_reflns_shell.pdbx_rejects                ? 
_reflns_shell.pdbx_ordinal                1 
_reflns_shell.pdbx_diffrn_id              1 
_reflns_shell.pdbx_CC_half                ? 
_reflns_shell.pdbx_R_split                ? 
# 
_refine.aniso_B[1][1]                            31.99 
_refine.aniso_B[1][2]                            0.00 
_refine.aniso_B[1][3]                            0.00 
_refine.aniso_B[2][2]                            31.99 
_refine.aniso_B[2][3]                            0.00 
_refine.aniso_B[3][3]                            -63.98 
_refine.B_iso_max                                ? 
_refine.B_iso_mean                               56.927 
_refine.B_iso_min                                ? 
_refine.correlation_coeff_Fo_to_Fc               0.944 
_refine.correlation_coeff_Fo_to_Fc_free          0.918 
_refine.details                                  'HYDROGENS HAVE BEEN ADDED IN THE RIDING POSITIONS' 
_refine.diff_density_max                         ? 
_refine.diff_density_max_esd                     ? 
_refine.diff_density_min                         ? 
_refine.diff_density_min_esd                     ? 
_refine.diff_density_rms                         ? 
_refine.diff_density_rms_esd                     ? 
_refine.entry_id                                 5HIX 
_refine.pdbx_refine_id                           'X-RAY DIFFRACTION' 
_refine.ls_abs_structure_details                 ? 
_refine.ls_abs_structure_Flack                   ? 
_refine.ls_abs_structure_Flack_esd               ? 
_refine.ls_abs_structure_Rogers                  ? 
_refine.ls_abs_structure_Rogers_esd              ? 
_refine.ls_d_res_high                            2.48 
_refine.ls_d_res_low                             30.14 
_refine.ls_extinction_coef                       ? 
_refine.ls_extinction_coef_esd                   ? 
_refine.ls_extinction_expression                 ? 
_refine.ls_extinction_method                     ? 
_refine.ls_goodness_of_fit_all                   ? 
_refine.ls_goodness_of_fit_all_esd               ? 
_refine.ls_goodness_of_fit_obs                   ? 
_refine.ls_goodness_of_fit_obs_esd               ? 
_refine.ls_hydrogen_treatment                    ? 
_refine.ls_matrix_type                           ? 
_refine.ls_number_constraints                    ? 
_refine.ls_number_parameters                     ? 
_refine.ls_number_reflns_all                     ? 
_refine.ls_number_reflns_obs                     3151 
_refine.ls_number_reflns_R_free                  157 
_refine.ls_number_reflns_R_work                  ? 
_refine.ls_number_restraints                     ? 
_refine.ls_percent_reflns_obs                    96.61 
_refine.ls_percent_reflns_R_free                 4.7 
_refine.ls_R_factor_all                          ? 
_refine.ls_R_factor_obs                          0.23052 
_refine.ls_R_factor_R_free                       0.28784 
_refine.ls_R_factor_R_free_error                 ? 
_refine.ls_R_factor_R_free_error_details         ? 
_refine.ls_R_factor_R_work                       0.22694 
_refine.ls_R_Fsqd_factor_obs                     ? 
_refine.ls_R_I_factor_obs                        ? 
_refine.ls_redundancy_reflns_all                 ? 
_refine.ls_redundancy_reflns_obs                 ? 
_refine.ls_restrained_S_all                      ? 
_refine.ls_restrained_S_obs                      ? 
_refine.ls_shift_over_esd_max                    ? 
_refine.ls_shift_over_esd_mean                   ? 
_refine.ls_structure_factor_coef                 ? 
_refine.ls_weighting_details                     ? 
_refine.ls_weighting_scheme                      ? 
_refine.ls_wR_factor_all                         ? 
_refine.ls_wR_factor_obs                         ? 
_refine.ls_wR_factor_R_free                      ? 
_refine.ls_wR_factor_R_work                      ? 
_refine.occupancy_max                            ? 
_refine.occupancy_min                            ? 
_refine.solvent_model_details                    MASK 
_refine.solvent_model_param_bsol                 ? 
_refine.solvent_model_param_ksol                 ? 
_refine.ls_R_factor_gt                           ? 
_refine.ls_goodness_of_fit_gt                    ? 
_refine.ls_goodness_of_fit_ref                   ? 
_refine.ls_shift_over_su_max                     ? 
_refine.ls_shift_over_su_max_lt                  ? 
_refine.ls_shift_over_su_mean                    ? 
_refine.ls_shift_over_su_mean_lt                 ? 
_refine.pdbx_ls_sigma_I                          ? 
_refine.pdbx_ls_sigma_F                          ? 
_refine.pdbx_ls_sigma_Fsqd                       ? 
_refine.pdbx_data_cutoff_high_absF               ? 
_refine.pdbx_data_cutoff_high_rms_absF           ? 
_refine.pdbx_data_cutoff_low_absF                ? 
_refine.pdbx_isotropic_thermal_model             ? 
_refine.pdbx_ls_cross_valid_method               THROUGHOUT 
_refine.pdbx_method_to_determine_struct          'MOLECULAR REPLACEMENT' 
_refine.pdbx_starting_model                      1JRN 
_refine.pdbx_stereochemistry_target_values       'MAXIMUM LIKELIHOOD' 
_refine.pdbx_R_Free_selection_details            RANDOM 
_refine.pdbx_stereochem_target_val_spec_case     ? 
_refine.pdbx_overall_ESU_R                       0.108 
_refine.pdbx_overall_ESU_R_Free                  0.068 
_refine.pdbx_solvent_vdw_probe_radii             1.20 
_refine.pdbx_solvent_ion_probe_radii             0.80 
_refine.pdbx_solvent_shrinkage_radii             0.80 
_refine.pdbx_real_space_R                        ? 
_refine.pdbx_density_correlation                 ? 
_refine.pdbx_pd_number_of_powder_patterns        ? 
_refine.pdbx_pd_number_of_points                 ? 
_refine.pdbx_pd_meas_number_of_points            ? 
_refine.pdbx_pd_proc_ls_prof_R_factor            ? 
_refine.pdbx_pd_proc_ls_prof_wR_factor           ? 
_refine.pdbx_pd_Marquardt_correlation_coeff      ? 
_refine.pdbx_pd_Fsqrd_R_factor                   ? 
_refine.pdbx_pd_ls_matrix_band_width             ? 
_refine.pdbx_overall_phase_error                 ? 
_refine.pdbx_overall_SU_R_free_Cruickshank_DPI   ? 
_refine.pdbx_overall_SU_R_free_Blow_DPI          ? 
_refine.pdbx_overall_SU_R_Blow_DPI               ? 
_refine.pdbx_TLS_residual_ADP_flag               ? 
_refine.pdbx_diffrn_id                           1 
_refine.overall_SU_B                             18.537 
_refine.overall_SU_ML                            0.387 
_refine.overall_SU_R_Cruickshank_DPI             ? 
_refine.overall_SU_R_free                        ? 
_refine.overall_FOM_free_R_set                   ? 
_refine.overall_FOM_work_R_set                   ? 
_refine.pdbx_average_fsc_overall                 ? 
_refine.pdbx_average_fsc_work                    ? 
_refine.pdbx_average_fsc_free                    ? 
# 
_refine_hist.pdbx_refine_id                   'X-RAY DIFFRACTION' 
_refine_hist.cycle_id                         1 
_refine_hist.pdbx_number_atoms_protein        0 
_refine_hist.pdbx_number_atoms_nucleic_acid   506 
_refine_hist.pdbx_number_atoms_ligand         79 
_refine_hist.number_atoms_solvent             10 
_refine_hist.number_atoms_total               595 
_refine_hist.d_res_high                       2.48 
_refine_hist.d_res_low                        30.14 
# 
loop_
_refine_ls_restr.pdbx_refine_id 
_refine_ls_restr.criterion 
_refine_ls_restr.dev_ideal 
_refine_ls_restr.dev_ideal_target 
_refine_ls_restr.number 
_refine_ls_restr.rejects 
_refine_ls_restr.type 
_refine_ls_restr.weight 
_refine_ls_restr.pdbx_restraint_function 
'X-RAY DIFFRACTION' ? 0.011  0.012  650  ? r_bond_refined_d             ? ? 
'X-RAY DIFFRACTION' ? 0.015  0.021  329  ? r_bond_other_d               ? ? 
'X-RAY DIFFRACTION' ? 1.668  1.341  994  ? r_angle_refined_deg          ? ? 
'X-RAY DIFFRACTION' ? 3.560  3.065  772  ? r_angle_other_deg            ? ? 
'X-RAY DIFFRACTION' ? ?      ?      ?    ? r_dihedral_angle_1_deg       ? ? 
'X-RAY DIFFRACTION' ? ?      ?      ?    ? r_dihedral_angle_2_deg       ? ? 
'X-RAY DIFFRACTION' ? ?      ?      ?    ? r_dihedral_angle_3_deg       ? ? 
'X-RAY DIFFRACTION' ? ?      ?      ?    ? r_dihedral_angle_4_deg       ? ? 
'X-RAY DIFFRACTION' ? 0.084  0.200  72   ? r_chiral_restr               ? ? 
'X-RAY DIFFRACTION' ? 0.019  0.021  375  ? r_gen_planes_refined         ? ? 
'X-RAY DIFFRACTION' ? 0.002  0.020  127  ? r_gen_planes_other           ? ? 
'X-RAY DIFFRACTION' ? ?      ?      ?    ? r_nbd_refined                ? ? 
'X-RAY DIFFRACTION' ? ?      ?      ?    ? r_nbd_other                  ? ? 
'X-RAY DIFFRACTION' ? ?      ?      ?    ? r_nbtor_refined              ? ? 
'X-RAY DIFFRACTION' ? ?      ?      ?    ? r_nbtor_other                ? ? 
'X-RAY DIFFRACTION' ? ?      ?      ?    ? r_xyhbond_nbd_refined        ? ? 
'X-RAY DIFFRACTION' ? ?      ?      ?    ? r_xyhbond_nbd_other          ? ? 
'X-RAY DIFFRACTION' ? ?      ?      ?    ? r_metal_ion_refined          ? ? 
'X-RAY DIFFRACTION' ? ?      ?      ?    ? r_metal_ion_other            ? ? 
'X-RAY DIFFRACTION' ? ?      ?      ?    ? r_symmetry_vdw_refined       ? ? 
'X-RAY DIFFRACTION' ? ?      ?      ?    ? r_symmetry_vdw_other         ? ? 
'X-RAY DIFFRACTION' ? ?      ?      ?    ? r_symmetry_hbond_refined     ? ? 
'X-RAY DIFFRACTION' ? ?      ?      ?    ? r_symmetry_hbond_other       ? ? 
'X-RAY DIFFRACTION' ? ?      ?      ?    ? r_symmetry_metal_ion_refined ? ? 
'X-RAY DIFFRACTION' ? ?      ?      ?    ? r_symmetry_metal_ion_other   ? ? 
'X-RAY DIFFRACTION' ? ?      ?      ?    ? r_mcbond_it                  ? ? 
'X-RAY DIFFRACTION' ? ?      ?      ?    ? r_mcbond_other               ? ? 
'X-RAY DIFFRACTION' ? ?      ?      ?    ? r_mcangle_it                 ? ? 
'X-RAY DIFFRACTION' ? ?      ?      ?    ? r_mcangle_other              ? ? 
'X-RAY DIFFRACTION' ? 6.467  5.759  650  ? r_scbond_it                  ? ? 
'X-RAY DIFFRACTION' ? 6.463  5.768  651  ? r_scbond_other               ? ? 
'X-RAY DIFFRACTION' ? ?      ?      ?    ? r_scangle_it                 ? ? 
'X-RAY DIFFRACTION' ? 9.296  8.601  995  ? r_scangle_other              ? ? 
'X-RAY DIFFRACTION' ? 12.651 62.044 1225 ? r_long_range_B_refined       ? ? 
'X-RAY DIFFRACTION' ? 12.647 62.105 1225 ? r_long_range_B_other         ? ? 
'X-RAY DIFFRACTION' ? ?      ?      ?    ? r_rigid_bond_restr           ? ? 
'X-RAY DIFFRACTION' ? ?      ?      ?    ? r_sphericity_free            ? ? 
'X-RAY DIFFRACTION' ? ?      ?      ?    ? r_sphericity_bonded          ? ? 
# 
_refine_ls_shell.pdbx_refine_id                   'X-RAY DIFFRACTION' 
_refine_ls_shell.d_res_high                       2.481 
_refine_ls_shell.d_res_low                        2.545 
_refine_ls_shell.number_reflns_all                ? 
_refine_ls_shell.number_reflns_obs                ? 
_refine_ls_shell.number_reflns_R_free             6 
_refine_ls_shell.number_reflns_R_work             192 
_refine_ls_shell.percent_reflns_obs               78.57 
_refine_ls_shell.percent_reflns_R_free            ? 
_refine_ls_shell.R_factor_all                     ? 
_refine_ls_shell.R_factor_obs                     ? 
_refine_ls_shell.R_factor_R_free                  0.516 
_refine_ls_shell.R_factor_R_free_error            ? 
_refine_ls_shell.R_factor_R_work                  0.309 
_refine_ls_shell.redundancy_reflns_all            ? 
_refine_ls_shell.redundancy_reflns_obs            ? 
_refine_ls_shell.wR_factor_all                    ? 
_refine_ls_shell.wR_factor_obs                    ? 
_refine_ls_shell.wR_factor_R_free                 ? 
_refine_ls_shell.wR_factor_R_work                 ? 
_refine_ls_shell.pdbx_total_number_of_bins_used   20 
_refine_ls_shell.pdbx_phase_error                 ? 
_refine_ls_shell.pdbx_fsc_work                    ? 
_refine_ls_shell.pdbx_fsc_free                    ? 
# 
_struct.entry_id                     5HIX 
_struct.title                        'Cocrystal structure of an anti-parallel DNA G-quadruplex and a tetra-Quinoline Foldamer' 
_struct.pdbx_model_details           ? 
_struct.pdbx_formula_weight          ? 
_struct.pdbx_formula_weight_method   ? 
_struct.pdbx_model_type_details      ? 
_struct.pdbx_CASP_flag               ? 
# 
_struct_keywords.entry_id        5HIX 
_struct_keywords.text            'DNA G-quadruplex, Foldamer, Foldamer-quadruplex, G-quadruplex Ligands, DNA' 
_struct_keywords.pdbx_keywords   DNA 
# 
loop_
_struct_asym.id 
_struct_asym.pdbx_blank_PDB_chainid_flag 
_struct_asym.pdbx_modified 
_struct_asym.entity_id 
_struct_asym.details 
A N N 1 ? 
B N N 1 ? 
C N N 2 ? 
D N N 2 ? 
E N N 2 ? 
F N N 2 ? 
G N N 3 ? 
H N N 4 ? 
I N N 4 ? 
# 
_struct_ref.id                         1 
_struct_ref.db_name                    PDB 
_struct_ref.db_code                    5HIX 
_struct_ref.pdbx_db_accession          5HIX 
_struct_ref.pdbx_db_isoform            ? 
_struct_ref.entity_id                  1 
_struct_ref.pdbx_seq_one_letter_code   ? 
_struct_ref.pdbx_align_begin           1 
# 
loop_
_struct_ref_seq.align_id 
_struct_ref_seq.ref_id 
_struct_ref_seq.pdbx_PDB_id_code 
_struct_ref_seq.pdbx_strand_id 
_struct_ref_seq.seq_align_beg 
_struct_ref_seq.pdbx_seq_align_beg_ins_code 
_struct_ref_seq.seq_align_end 
_struct_ref_seq.pdbx_seq_align_end_ins_code 
_struct_ref_seq.pdbx_db_accession 
_struct_ref_seq.db_align_beg 
_struct_ref_seq.pdbx_db_align_beg_ins_code 
_struct_ref_seq.db_align_end 
_struct_ref_seq.pdbx_db_align_end_ins_code 
_struct_ref_seq.pdbx_auth_seq_align_beg 
_struct_ref_seq.pdbx_auth_seq_align_end 
1 1 5HIX A 1 ? 12 ? 5HIX 1 ? 12 ? 1 12 
2 1 5HIX B 1 ? 12 ? 5HIX 1 ? 12 ? 1 12 
# 
_pdbx_struct_assembly.id                   1 
_pdbx_struct_assembly.details              author_and_software_defined_assembly 
_pdbx_struct_assembly.method_details       PISA 
_pdbx_struct_assembly.oligomeric_details   dimeric 
_pdbx_struct_assembly.oligomeric_count     2 
# 
loop_
_pdbx_struct_assembly_prop.biol_id 
_pdbx_struct_assembly_prop.type 
_pdbx_struct_assembly_prop.value 
_pdbx_struct_assembly_prop.details 
1 'ABSA (A^2)' 3160 ? 
1 MORE         -18  ? 
1 'SSA (A^2)'  4250 ? 
# 
_pdbx_struct_assembly_gen.assembly_id       1 
_pdbx_struct_assembly_gen.oper_expression   1 
_pdbx_struct_assembly_gen.asym_id_list      A,B,C,D,E,F,G,H,I 
# 
_pdbx_struct_oper_list.id                   1 
_pdbx_struct_oper_list.type                 'identity operation' 
_pdbx_struct_oper_list.name                 1_555 
_pdbx_struct_oper_list.symmetry_operation   x,y,z 
_pdbx_struct_oper_list.matrix[1][1]         1.0000000000 
_pdbx_struct_oper_list.matrix[1][2]         0.0000000000 
_pdbx_struct_oper_list.matrix[1][3]         0.0000000000 
_pdbx_struct_oper_list.vector[1]            0.0000000000 
_pdbx_struct_oper_list.matrix[2][1]         0.0000000000 
_pdbx_struct_oper_list.matrix[2][2]         1.0000000000 
_pdbx_struct_oper_list.matrix[2][3]         0.0000000000 
_pdbx_struct_oper_list.vector[2]            0.0000000000 
_pdbx_struct_oper_list.matrix[3][1]         0.0000000000 
_pdbx_struct_oper_list.matrix[3][2]         0.0000000000 
_pdbx_struct_oper_list.matrix[3][3]         1.0000000000 
_pdbx_struct_oper_list.vector[3]            0.0000000000 
# 
loop_
_struct_conn.id 
_struct_conn.conn_type_id 
_struct_conn.pdbx_leaving_atom_flag 
_struct_conn.pdbx_PDB_id 
_struct_conn.ptnr1_label_asym_id 
_struct_conn.ptnr1_label_comp_id 
_struct_conn.ptnr1_label_seq_id 
_struct_conn.ptnr1_label_atom_id 
_struct_conn.pdbx_ptnr1_label_alt_id 
_struct_conn.pdbx_ptnr1_PDB_ins_code 
_struct_conn.pdbx_ptnr1_standard_comp_id 
_struct_conn.ptnr1_symmetry 
_struct_conn.ptnr2_label_asym_id 
_struct_conn.ptnr2_label_comp_id 
_struct_conn.ptnr2_label_seq_id 
_struct_conn.ptnr2_label_atom_id 
_struct_conn.pdbx_ptnr2_label_alt_id 
_struct_conn.pdbx_ptnr2_PDB_ins_code 
_struct_conn.ptnr1_auth_asym_id 
_struct_conn.ptnr1_auth_comp_id 
_struct_conn.ptnr1_auth_seq_id 
_struct_conn.ptnr2_auth_asym_id 
_struct_conn.ptnr2_auth_comp_id 
_struct_conn.ptnr2_auth_seq_id 
_struct_conn.ptnr2_symmetry 
_struct_conn.pdbx_ptnr3_label_atom_id 
_struct_conn.pdbx_ptnr3_label_seq_id 
_struct_conn.pdbx_ptnr3_label_comp_id 
_struct_conn.pdbx_ptnr3_label_asym_id 
_struct_conn.pdbx_ptnr3_label_alt_id 
_struct_conn.pdbx_ptnr3_PDB_ins_code 
_struct_conn.details 
_struct_conn.pdbx_dist_value 
_struct_conn.pdbx_value_order 
_struct_conn.pdbx_role 
metalc1  metalc ? ? A DG 1  O6 ? ? ? 1_555 F K  .  K  ? ? A DG 1   A K  104 1_555 ? ? ? ? ? ? ?               3.025 ? ? 
metalc2  metalc ? ? A DG 2  O6 ? ? ? 1_555 C K  .  K  ? ? A DG 2   A K  101 1_555 ? ? ? ? ? ? ?               2.389 ? ? 
metalc3  metalc ? ? A DG 2  O6 ? ? ? 1_555 F K  .  K  ? ? A DG 2   A K  104 1_555 ? ? ? ? ? ? ?               3.431 ? ? 
metalc4  metalc ? ? A DG 3  O6 ? ? ? 1_555 E K  .  K  ? ? A DG 3   A K  103 1_555 ? ? ? ? ? ? ?               2.835 ? ? 
metalc5  metalc ? ? A DG 4  O6 ? ? ? 1_555 D K  .  K  ? ? A DG 4   A K  102 1_555 ? ? ? ? ? ? ?               2.638 ? ? 
metalc6  metalc ? ? A DG 4  O6 ? ? ? 1_555 E K  .  K  ? ? A DG 4   A K  103 1_555 ? ? ? ? ? ? ?               3.394 ? ? 
metalc7  metalc ? ? A DT 5  O2 ? ? ? 1_555 D K  .  K  ? ? A DT 5   A K  102 1_555 ? ? ? ? ? ? ?               3.373 ? ? 
metalc8  metalc ? ? A DT 7  O2 ? ? ? 1_555 D K  .  K  ? ? A DT 7   A K  102 1_555 ? ? ? ? ? ? ?               2.745 ? ? 
metalc9  metalc ? ? A DG 9  O6 ? ? ? 1_555 D K  .  K  ? ? A DG 9   A K  102 1_555 ? ? ? ? ? ? ?               2.904 ? ? 
metalc10 metalc ? ? A DG 9  O6 ? ? ? 1_555 E K  .  K  ? ? A DG 9   A K  103 1_555 ? ? ? ? ? ? ?               2.329 ? ? 
metalc11 metalc ? ? A DG 10 O6 ? ? ? 1_555 C K  .  K  ? ? A DG 10  A K  101 1_555 ? ? ? ? ? ? ?               3.145 ? ? 
metalc12 metalc ? ? A DG 10 O6 ? ? ? 1_555 E K  .  K  ? ? A DG 10  A K  103 1_555 ? ? ? ? ? ? ?               2.654 ? ? 
metalc13 metalc ? ? A DG 11 O6 ? ? ? 1_555 C K  .  K  ? ? A DG 11  A K  101 1_555 ? ? ? ? ? ? ?               2.528 ? ? 
metalc14 metalc ? ? A DG 11 O6 ? ? ? 1_555 F K  .  K  ? ? A DG 11  A K  104 1_555 ? ? ? ? ? ? ?               2.582 ? ? 
metalc15 metalc ? ? A DG 12 O6 ? ? ? 1_555 F K  .  K  ? ? A DG 12  A K  104 1_555 ? ? ? ? ? ? ?               2.695 ? ? 
metalc16 metalc ? ? C K  .  K  ? ? ? 1_555 B DG 2  O6 ? ? A K  101 B DG 2   1_555 ? ? ? ? ? ? ?               3.093 ? ? 
metalc17 metalc ? ? C K  .  K  ? ? ? 1_555 B DG 3  O6 ? ? A K  101 B DG 3   1_555 ? ? ? ? ? ? ?               3.148 ? ? 
metalc18 metalc ? ? C K  .  K  ? ? ? 1_555 B DG 10 O6 ? ? A K  101 B DG 10  1_555 ? ? ? ? ? ? ?               2.771 ? ? 
metalc19 metalc ? ? D K  .  K  ? ? ? 1_555 B DG 1  O6 ? ? A K  102 B DG 1   1_555 ? ? ? ? ? ? ?               3.145 ? ? 
metalc20 metalc ? ? D K  .  K  ? ? ? 1_555 B DG 12 O6 ? ? A K  102 B DG 12  1_555 ? ? ? ? ? ? ?               2.844 ? ? 
metalc21 metalc ? ? E K  .  K  ? ? ? 1_555 B DG 1  O6 ? ? A K  103 B DG 1   1_555 ? ? ? ? ? ? ?               2.369 ? ? 
metalc22 metalc ? ? E K  .  K  ? ? ? 1_555 B DG 2  O6 ? ? A K  103 B DG 2   1_555 ? ? ? ? ? ? ?               2.963 ? ? 
metalc23 metalc ? ? E K  .  K  ? ? ? 1_555 B DG 11 O6 ? ? A K  103 B DG 11  1_555 ? ? ? ? ? ? ?               2.784 ? ? 
metalc24 metalc ? ? E K  .  K  ? ? ? 1_555 B DG 12 O6 ? ? A K  103 B DG 12  1_555 ? ? ? ? ? ? ?               3.143 ? ? 
metalc25 metalc ? ? F K  .  K  ? ? ? 1_555 B DG 3  O6 ? ? A K  104 B DG 3   1_555 ? ? ? ? ? ? ?               3.459 ? ? 
metalc26 metalc ? ? F K  .  K  ? ? ? 1_555 B DG 4  O6 ? ? A K  104 B DG 4   1_555 ? ? ? ? ? ? ?               2.576 ? ? 
metalc27 metalc ? ? F K  .  K  ? ? ? 1_555 B DG 9  O6 ? ? A K  104 B DG 9   1_555 ? ? ? ? ? ? ?               3.111 ? ? 
hydrog1  hydrog ? ? A DG 1  N7 ? ? ? 1_555 B DG 4  N2 ? ? A DG 1   B DG 4   1_555 ? ? ? ? ? ? TYPE_6_PAIR     ?     ? ? 
hydrog2  hydrog ? ? A DG 1  O6 ? ? ? 1_555 B DG 4  N1 ? ? A DG 1   B DG 4   1_555 ? ? ? ? ? ? TYPE_6_PAIR     ?     ? ? 
hydrog3  hydrog ? ? A DG 2  N1 ? ? ? 1_555 B DG 3  O6 ? ? A DG 2   B DG 3   1_555 ? ? ? ? ? ? TYPE_6_PAIR     ?     ? ? 
hydrog4  hydrog ? ? A DG 2  N2 ? ? ? 1_555 B DG 3  N7 ? ? A DG 2   B DG 3   1_555 ? ? ? ? ? ? TYPE_6_PAIR     ?     ? ? 
hydrog5  hydrog ? ? A DG 2  N7 ? ? ? 1_555 B DG 10 N2 ? ? A DG 2   B DG 10  1_555 ? ? ? ? ? ? TYPE_6_PAIR     ?     ? ? 
hydrog6  hydrog ? ? A DG 2  O6 ? ? ? 1_555 B DG 10 N1 ? ? A DG 2   B DG 10  1_555 ? ? ? ? ? ? TYPE_6_PAIR     ?     ? ? 
hydrog7  hydrog ? ? A DG 3  O6 ? ? ? 1_555 B DG 2  N1 ? ? A DG 3   B DG 2   1_555 ? ? ? ? ? ? 'DG-DG MISPAIR' ?     ? ? 
hydrog8  hydrog ? ? A DG 4  N2 ? ? ? 1_555 A DT 7  O4 ? ? A DG 4   A DT 7   1_555 ? ? ? ? ? ? 'DG-DT MISPAIR' ?     ? ? 
hydrog9  hydrog ? ? A DG 4  N1 ? ? ? 1_555 B DG 1  O6 ? ? A DG 4   B DG 1   1_555 ? ? ? ? ? ? TYPE_6_PAIR     ?     ? ? 
hydrog10 hydrog ? ? A DG 4  N2 ? ? ? 1_555 B DG 1  N7 ? ? A DG 4   B DG 1   1_555 ? ? ? ? ? ? TYPE_6_PAIR     ?     ? ? 
hydrog11 hydrog ? ? A DG 4  N7 ? ? ? 1_555 B DG 12 N2 ? ? A DG 4   B DG 12  1_555 ? ? ? ? ? ? TYPE_6_PAIR     ?     ? ? 
hydrog12 hydrog ? ? A DG 4  O6 ? ? ? 1_555 B DG 12 N1 ? ? A DG 4   B DG 12  1_555 ? ? ? ? ? ? TYPE_6_PAIR     ?     ? ? 
hydrog13 hydrog ? ? A DG 9  N7 ? ? ? 1_555 B DG 1  N2 ? ? A DG 9   B DG 1   1_555 ? ? ? ? ? ? TYPE_6_PAIR     ?     ? ? 
hydrog14 hydrog ? ? A DG 9  O6 ? ? ? 1_555 B DG 1  N1 ? ? A DG 9   B DG 1   1_555 ? ? ? ? ? ? TYPE_6_PAIR     ?     ? ? 
hydrog15 hydrog ? ? A DG 9  N1 ? ? ? 1_555 B DG 12 O6 ? ? A DG 9   B DG 12  1_555 ? ? ? ? ? ? TYPE_6_PAIR     ?     ? ? 
hydrog16 hydrog ? ? A DG 9  N2 ? ? ? 1_555 B DG 12 N7 ? ? A DG 9   B DG 12  1_555 ? ? ? ? ? ? TYPE_6_PAIR     ?     ? ? 
hydrog17 hydrog ? ? A DG 10 N1 ? ? ? 1_555 B DG 2  O6 ? ? A DG 10  B DG 2   1_555 ? ? ? ? ? ? TYPE_6_PAIR     ?     ? ? 
hydrog18 hydrog ? ? A DG 10 N2 ? ? ? 1_555 B DG 2  N7 ? ? A DG 10  B DG 2   1_555 ? ? ? ? ? ? TYPE_6_PAIR     ?     ? ? 
hydrog19 hydrog ? ? A DG 10 N7 ? ? ? 1_555 B DG 11 N2 ? ? A DG 10  B DG 11  1_555 ? ? ? ? ? ? TYPE_6_PAIR     ?     ? ? 
hydrog20 hydrog ? ? A DG 10 O6 ? ? ? 1_555 B DG 11 N1 ? ? A DG 10  B DG 11  1_555 ? ? ? ? ? ? TYPE_6_PAIR     ?     ? ? 
hydrog21 hydrog ? ? A DG 11 N7 ? ? ? 1_555 B DG 3  N2 ? ? A DG 11  B DG 3   1_555 ? ? ? ? ? ? 'DG-DG MISPAIR' ?     ? ? 
hydrog22 hydrog ? ? A DG 11 N1 ? ? ? 1_555 B DG 10 O6 ? ? A DG 11  B DG 10  1_555 ? ? ? ? ? ? TYPE_6_PAIR     ?     ? ? 
hydrog23 hydrog ? ? A DG 11 N2 ? ? ? 1_555 B DG 10 N7 ? ? A DG 11  B DG 10  1_555 ? ? ? ? ? ? TYPE_6_PAIR     ?     ? ? 
hydrog24 hydrog ? ? A DG 12 N1 ? ? ? 1_555 B DG 4  O6 ? ? A DG 12  B DG 4   1_555 ? ? ? ? ? ? TYPE_6_PAIR     ?     ? ? 
hydrog25 hydrog ? ? A DG 12 N2 ? ? ? 1_555 B DG 4  N7 ? ? A DG 12  B DG 4   1_555 ? ? ? ? ? ? TYPE_6_PAIR     ?     ? ? 
# 
loop_
_struct_conn_type.id 
_struct_conn_type.criteria 
_struct_conn_type.reference 
metalc ? ? 
hydrog ? ? 
# 
loop_
_pdbx_struct_conn_angle.id 
_pdbx_struct_conn_angle.ptnr1_label_atom_id 
_pdbx_struct_conn_angle.ptnr1_label_alt_id 
_pdbx_struct_conn_angle.ptnr1_label_asym_id 
_pdbx_struct_conn_angle.ptnr1_label_comp_id 
_pdbx_struct_conn_angle.ptnr1_label_seq_id 
_pdbx_struct_conn_angle.ptnr1_auth_atom_id 
_pdbx_struct_conn_angle.ptnr1_auth_asym_id 
_pdbx_struct_conn_angle.ptnr1_auth_comp_id 
_pdbx_struct_conn_angle.ptnr1_auth_seq_id 
_pdbx_struct_conn_angle.ptnr1_PDB_ins_code 
_pdbx_struct_conn_angle.ptnr1_symmetry 
_pdbx_struct_conn_angle.ptnr2_label_atom_id 
_pdbx_struct_conn_angle.ptnr2_label_alt_id 
_pdbx_struct_conn_angle.ptnr2_label_asym_id 
_pdbx_struct_conn_angle.ptnr2_label_comp_id 
_pdbx_struct_conn_angle.ptnr2_label_seq_id 
_pdbx_struct_conn_angle.ptnr2_auth_atom_id 
_pdbx_struct_conn_angle.ptnr2_auth_asym_id 
_pdbx_struct_conn_angle.ptnr2_auth_comp_id 
_pdbx_struct_conn_angle.ptnr2_auth_seq_id 
_pdbx_struct_conn_angle.ptnr2_PDB_ins_code 
_pdbx_struct_conn_angle.ptnr2_symmetry 
_pdbx_struct_conn_angle.ptnr3_label_atom_id 
_pdbx_struct_conn_angle.ptnr3_label_alt_id 
_pdbx_struct_conn_angle.ptnr3_label_asym_id 
_pdbx_struct_conn_angle.ptnr3_label_comp_id 
_pdbx_struct_conn_angle.ptnr3_label_seq_id 
_pdbx_struct_conn_angle.ptnr3_auth_atom_id 
_pdbx_struct_conn_angle.ptnr3_auth_asym_id 
_pdbx_struct_conn_angle.ptnr3_auth_comp_id 
_pdbx_struct_conn_angle.ptnr3_auth_seq_id 
_pdbx_struct_conn_angle.ptnr3_PDB_ins_code 
_pdbx_struct_conn_angle.ptnr3_symmetry 
_pdbx_struct_conn_angle.value 
_pdbx_struct_conn_angle.value_esd 
1  O6 ? A DG 1  ? A DG 1  ? 1_555 K ? F K . ? A K 104 ? 1_555 O6 ? A DG 2  ? A DG 2  ? 1_555 59.8  ? 
2  O6 ? A DG 1  ? A DG 1  ? 1_555 K ? F K . ? A K 104 ? 1_555 O6 ? A DG 11 ? A DG 11 ? 1_555 149.7 ? 
3  O6 ? A DG 2  ? A DG 2  ? 1_555 K ? F K . ? A K 104 ? 1_555 O6 ? A DG 11 ? A DG 11 ? 1_555 90.1  ? 
4  O6 ? A DG 1  ? A DG 1  ? 1_555 K ? F K . ? A K 104 ? 1_555 O6 ? A DG 12 ? A DG 12 ? 1_555 123.0 ? 
5  O6 ? A DG 2  ? A DG 2  ? 1_555 K ? F K . ? A K 104 ? 1_555 O6 ? A DG 12 ? A DG 12 ? 1_555 175.9 ? 
6  O6 ? A DG 11 ? A DG 11 ? 1_555 K ? F K . ? A K 104 ? 1_555 O6 ? A DG 12 ? A DG 12 ? 1_555 86.9  ? 
7  O6 ? A DG 1  ? A DG 1  ? 1_555 K ? F K . ? A K 104 ? 1_555 O6 ? B DG 3  ? B DG 3  ? 1_555 91.3  ? 
8  O6 ? A DG 2  ? A DG 2  ? 1_555 K ? F K . ? A K 104 ? 1_555 O6 ? B DG 3  ? B DG 3  ? 1_555 64.8  ? 
9  O6 ? A DG 11 ? A DG 11 ? 1_555 K ? F K . ? A K 104 ? 1_555 O6 ? B DG 3  ? B DG 3  ? 1_555 71.2  ? 
10 O6 ? A DG 12 ? A DG 12 ? 1_555 K ? F K . ? A K 104 ? 1_555 O6 ? B DG 3  ? B DG 3  ? 1_555 111.5 ? 
11 O6 ? A DG 1  ? A DG 1  ? 1_555 K ? F K . ? A K 104 ? 1_555 O6 ? B DG 4  ? B DG 4  ? 1_555 76.5  ? 
12 O6 ? A DG 2  ? A DG 2  ? 1_555 K ? F K . ? A K 104 ? 1_555 O6 ? B DG 4  ? B DG 4  ? 1_555 109.0 ? 
13 O6 ? A DG 11 ? A DG 11 ? 1_555 K ? F K . ? A K 104 ? 1_555 O6 ? B DG 4  ? B DG 4  ? 1_555 114.3 ? 
14 O6 ? A DG 12 ? A DG 12 ? 1_555 K ? F K . ? A K 104 ? 1_555 O6 ? B DG 4  ? B DG 4  ? 1_555 69.9  ? 
15 O6 ? B DG 3  ? B DG 3  ? 1_555 K ? F K . ? A K 104 ? 1_555 O6 ? B DG 4  ? B DG 4  ? 1_555 63.5  ? 
16 O6 ? A DG 1  ? A DG 1  ? 1_555 K ? F K . ? A K 104 ? 1_555 O6 ? B DG 9  ? B DG 9  ? 1_555 84.2  ? 
17 O6 ? A DG 2  ? A DG 2  ? 1_555 K ? F K . ? A K 104 ? 1_555 O6 ? B DG 9  ? B DG 9  ? 1_555 99.1  ? 
18 O6 ? A DG 11 ? A DG 11 ? 1_555 K ? F K . ? A K 104 ? 1_555 O6 ? B DG 9  ? B DG 9  ? 1_555 105.3 ? 
19 O6 ? A DG 12 ? A DG 12 ? 1_555 K ? F K . ? A K 104 ? 1_555 O6 ? B DG 9  ? B DG 9  ? 1_555 84.4  ? 
20 O6 ? B DG 3  ? B DG 3  ? 1_555 K ? F K . ? A K 104 ? 1_555 O6 ? B DG 9  ? B DG 9  ? 1_555 163.0 ? 
21 O6 ? B DG 4  ? B DG 4  ? 1_555 K ? F K . ? A K 104 ? 1_555 O6 ? B DG 9  ? B DG 9  ? 1_555 130.5 ? 
22 O6 ? A DG 2  ? A DG 2  ? 1_555 K ? C K . ? A K 101 ? 1_555 O6 ? A DG 10 ? A DG 10 ? 1_555 129.1 ? 
23 O6 ? A DG 2  ? A DG 2  ? 1_555 K ? C K . ? A K 101 ? 1_555 O6 ? A DG 11 ? A DG 11 ? 1_555 121.8 ? 
24 O6 ? A DG 10 ? A DG 10 ? 1_555 K ? C K . ? A K 101 ? 1_555 O6 ? A DG 11 ? A DG 11 ? 1_555 95.7  ? 
25 O6 ? A DG 2  ? A DG 2  ? 1_555 K ? C K . ? A K 101 ? 1_555 O6 ? B DG 2  ? B DG 2  ? 1_555 147.8 ? 
26 O6 ? A DG 10 ? A DG 10 ? 1_555 K ? C K . ? A K 101 ? 1_555 O6 ? B DG 2  ? B DG 2  ? 1_555 66.5  ? 
27 O6 ? A DG 11 ? A DG 11 ? 1_555 K ? C K . ? A K 101 ? 1_555 O6 ? B DG 2  ? B DG 2  ? 1_555 77.5  ? 
28 O6 ? A DG 2  ? A DG 2  ? 1_555 K ? C K . ? A K 101 ? 1_555 O6 ? B DG 3  ? B DG 3  ? 1_555 82.4  ? 
29 O6 ? A DG 10 ? A DG 10 ? 1_555 K ? C K . ? A K 101 ? 1_555 O6 ? B DG 3  ? B DG 3  ? 1_555 143.4 ? 
30 O6 ? A DG 11 ? A DG 11 ? 1_555 K ? C K . ? A K 101 ? 1_555 O6 ? B DG 3  ? B DG 3  ? 1_555 77.5  ? 
31 O6 ? B DG 2  ? B DG 2  ? 1_555 K ? C K . ? A K 101 ? 1_555 O6 ? B DG 3  ? B DG 3  ? 1_555 76.9  ? 
32 O6 ? A DG 2  ? A DG 2  ? 1_555 K ? C K . ? A K 101 ? 1_555 O6 ? B DG 10 ? B DG 10 ? 1_555 94.4  ? 
33 O6 ? A DG 10 ? A DG 10 ? 1_555 K ? C K . ? A K 101 ? 1_555 O6 ? B DG 10 ? B DG 10 ? 1_555 68.0  ? 
34 O6 ? A DG 11 ? A DG 11 ? 1_555 K ? C K . ? A K 101 ? 1_555 O6 ? B DG 10 ? B DG 10 ? 1_555 67.1  ? 
35 O6 ? B DG 2  ? B DG 2  ? 1_555 K ? C K . ? A K 101 ? 1_555 O6 ? B DG 10 ? B DG 10 ? 1_555 117.6 ? 
36 O6 ? B DG 3  ? B DG 3  ? 1_555 K ? C K . ? A K 101 ? 1_555 O6 ? B DG 10 ? B DG 10 ? 1_555 136.0 ? 
37 O6 ? A DG 3  ? A DG 3  ? 1_555 K ? E K . ? A K 103 ? 1_555 O6 ? A DG 4  ? A DG 4  ? 1_555 69.1  ? 
38 O6 ? A DG 3  ? A DG 3  ? 1_555 K ? E K . ? A K 103 ? 1_555 O6 ? A DG 9  ? A DG 9  ? 1_555 167.0 ? 
39 O6 ? A DG 4  ? A DG 4  ? 1_555 K ? E K . ? A K 103 ? 1_555 O6 ? A DG 9  ? A DG 9  ? 1_555 99.2  ? 
40 O6 ? A DG 3  ? A DG 3  ? 1_555 K ? E K . ? A K 103 ? 1_555 O6 ? A DG 10 ? A DG 10 ? 1_555 120.2 ? 
41 O6 ? A DG 4  ? A DG 4  ? 1_555 K ? E K . ? A K 103 ? 1_555 O6 ? A DG 10 ? A DG 10 ? 1_555 154.7 ? 
42 O6 ? A DG 9  ? A DG 9  ? 1_555 K ? E K . ? A K 103 ? 1_555 O6 ? A DG 10 ? A DG 10 ? 1_555 72.8  ? 
43 O6 ? A DG 3  ? A DG 3  ? 1_555 K ? E K . ? A K 103 ? 1_555 O6 ? B DG 1  ? B DG 1  ? 1_555 97.5  ? 
44 O6 ? A DG 4  ? A DG 4  ? 1_555 K ? E K . ? A K 103 ? 1_555 O6 ? B DG 1  ? B DG 1  ? 1_555 81.8  ? 
45 O6 ? A DG 9  ? A DG 9  ? 1_555 K ? E K . ? A K 103 ? 1_555 O6 ? B DG 1  ? B DG 1  ? 1_555 74.5  ? 
46 O6 ? A DG 10 ? A DG 10 ? 1_555 K ? E K . ? A K 103 ? 1_555 O6 ? B DG 1  ? B DG 1  ? 1_555 117.5 ? 
47 O6 ? A DG 3  ? A DG 3  ? 1_555 K ? E K . ? A K 103 ? 1_555 O6 ? B DG 2  ? B DG 2  ? 1_555 77.4  ? 
48 O6 ? A DG 4  ? A DG 4  ? 1_555 K ? E K . ? A K 103 ? 1_555 O6 ? B DG 2  ? B DG 2  ? 1_555 130.1 ? 
49 O6 ? A DG 9  ? A DG 9  ? 1_555 K ? E K . ? A K 103 ? 1_555 O6 ? B DG 2  ? B DG 2  ? 1_555 107.9 ? 
50 O6 ? A DG 10 ? A DG 10 ? 1_555 K ? E K . ? A K 103 ? 1_555 O6 ? B DG 2  ? B DG 2  ? 1_555 74.8  ? 
51 O6 ? B DG 1  ? B DG 1  ? 1_555 K ? E K . ? A K 103 ? 1_555 O6 ? B DG 2  ? B DG 2  ? 1_555 66.9  ? 
52 O6 ? A DG 3  ? A DG 3  ? 1_555 K ? E K . ? A K 103 ? 1_555 O6 ? B DG 11 ? B DG 11 ? 1_555 82.1  ? 
53 O6 ? A DG 4  ? A DG 4  ? 1_555 K ? E K . ? A K 103 ? 1_555 O6 ? B DG 11 ? B DG 11 ? 1_555 94.0  ? 
54 O6 ? A DG 9  ? A DG 9  ? 1_555 K ? E K . ? A K 103 ? 1_555 O6 ? B DG 11 ? B DG 11 ? 1_555 105.0 ? 
55 O6 ? A DG 10 ? A DG 10 ? 1_555 K ? E K . ? A K 103 ? 1_555 O6 ? B DG 11 ? B DG 11 ? 1_555 66.1  ? 
56 O6 ? B DG 1  ? B DG 1  ? 1_555 K ? E K . ? A K 103 ? 1_555 O6 ? B DG 11 ? B DG 11 ? 1_555 175.6 ? 
57 O6 ? B DG 2  ? B DG 2  ? 1_555 K ? E K . ? A K 103 ? 1_555 O6 ? B DG 11 ? B DG 11 ? 1_555 117.2 ? 
58 O6 ? A DG 3  ? A DG 3  ? 1_555 K ? E K . ? A K 103 ? 1_555 O6 ? B DG 12 ? B DG 12 ? 1_555 113.5 ? 
59 O6 ? A DG 4  ? A DG 4  ? 1_555 K ? E K . ? A K 103 ? 1_555 O6 ? B DG 12 ? B DG 12 ? 1_555 58.5  ? 
60 O6 ? A DG 9  ? A DG 9  ? 1_555 K ? E K . ? A K 103 ? 1_555 O6 ? B DG 12 ? B DG 12 ? 1_555 61.8  ? 
61 O6 ? A DG 10 ? A DG 10 ? 1_555 K ? E K . ? A K 103 ? 1_555 O6 ? B DG 12 ? B DG 12 ? 1_555 97.5  ? 
62 O6 ? B DG 1  ? B DG 1  ? 1_555 K ? E K . ? A K 103 ? 1_555 O6 ? B DG 12 ? B DG 12 ? 1_555 111.5 ? 
63 O6 ? B DG 2  ? B DG 2  ? 1_555 K ? E K . ? A K 103 ? 1_555 O6 ? B DG 12 ? B DG 12 ? 1_555 169.0 ? 
64 O6 ? B DG 11 ? B DG 11 ? 1_555 K ? E K . ? A K 103 ? 1_555 O6 ? B DG 12 ? B DG 12 ? 1_555 64.9  ? 
65 O6 ? A DG 4  ? A DG 4  ? 1_555 K ? D K . ? A K 102 ? 1_555 O2 ? A DT 5  ? A DT 5  ? 1_555 82.7  ? 
66 O6 ? A DG 4  ? A DG 4  ? 1_555 K ? D K . ? A K 102 ? 1_555 O2 ? A DT 7  ? A DT 7  ? 1_555 148.5 ? 
67 O2 ? A DT 5  ? A DT 5  ? 1_555 K ? D K . ? A K 102 ? 1_555 O2 ? A DT 7  ? A DT 7  ? 1_555 85.4  ? 
68 O6 ? A DG 4  ? A DG 4  ? 1_555 K ? D K . ? A K 102 ? 1_555 O6 ? A DG 9  ? A DG 9  ? 1_555 105.5 ? 
69 O2 ? A DT 5  ? A DT 5  ? 1_555 K ? D K . ? A K 102 ? 1_555 O6 ? A DG 9  ? A DG 9  ? 1_555 155.0 ? 
70 O2 ? A DT 7  ? A DT 7  ? 1_555 K ? D K . ? A K 102 ? 1_555 O6 ? A DG 9  ? A DG 9  ? 1_555 75.4  ? 
71 O6 ? A DG 4  ? A DG 4  ? 1_555 K ? D K . ? A K 102 ? 1_555 O6 ? B DG 1  ? B DG 1  ? 1_555 83.0  ? 
72 O2 ? A DT 5  ? A DT 5  ? 1_555 K ? D K . ? A K 102 ? 1_555 O6 ? B DG 1  ? B DG 1  ? 1_555 103.1 ? 
73 O2 ? A DT 7  ? A DT 7  ? 1_555 K ? D K . ? A K 102 ? 1_555 O6 ? B DG 1  ? B DG 1  ? 1_555 71.4  ? 
74 O6 ? A DG 9  ? A DG 9  ? 1_555 K ? D K . ? A K 102 ? 1_555 O6 ? B DG 1  ? B DG 1  ? 1_555 55.9  ? 
75 O6 ? A DG 4  ? A DG 4  ? 1_555 K ? D K . ? A K 102 ? 1_555 O6 ? B DG 12 ? B DG 12 ? 1_555 71.4  ? 
76 O2 ? A DT 5  ? A DT 5  ? 1_555 K ? D K . ? A K 102 ? 1_555 O6 ? B DG 12 ? B DG 12 ? 1_555 143.1 ? 
77 O2 ? A DT 7  ? A DT 7  ? 1_555 K ? D K . ? A K 102 ? 1_555 O6 ? B DG 12 ? B DG 12 ? 1_555 129.8 ? 
78 O6 ? A DG 9  ? A DG 9  ? 1_555 K ? D K . ? A K 102 ? 1_555 O6 ? B DG 12 ? B DG 12 ? 1_555 60.5  ? 
79 O6 ? B DG 1  ? B DG 1  ? 1_555 K ? D K . ? A K 102 ? 1_555 O6 ? B DG 12 ? B DG 12 ? 1_555 99.5  ? 
# 
loop_
_struct_site.id 
_struct_site.pdbx_evidence_code 
_struct_site.pdbx_auth_asym_id 
_struct_site.pdbx_auth_comp_id 
_struct_site.pdbx_auth_seq_id 
_struct_site.pdbx_auth_ins_code 
_struct_site.pdbx_num_residues 
_struct_site.details 
AC1 Software A K   101 ? 9 'binding site for residue K A 101'   
AC2 Software A K   102 ? 7 'binding site for residue K A 102'   
AC3 Software A K   103 ? 9 'binding site for residue K A 103'   
AC4 Software A K   104 ? 9 'binding site for residue K A 104'   
AC5 Software A 61Q 105 ? 3 'binding site for residue 61Q A 105' 
# 
loop_
_struct_site_gen.id 
_struct_site_gen.site_id 
_struct_site_gen.pdbx_num_res 
_struct_site_gen.label_comp_id 
_struct_site_gen.label_asym_id 
_struct_site_gen.label_seq_id 
_struct_site_gen.pdbx_auth_ins_code 
_struct_site_gen.auth_comp_id 
_struct_site_gen.auth_asym_id 
_struct_site_gen.auth_seq_id 
_struct_site_gen.label_atom_id 
_struct_site_gen.label_alt_id 
_struct_site_gen.symmetry 
_struct_site_gen.details 
1  AC1 9 DG  A 2  ? DG  A 2   . ? 1_555 ? 
2  AC1 9 DG  A 3  ? DG  A 3   . ? 1_555 ? 
3  AC1 9 DG  A 10 ? DG  A 10  . ? 1_555 ? 
4  AC1 9 DG  A 11 ? DG  A 11  . ? 1_555 ? 
5  AC1 9 K   F .  ? K   A 104 . ? 1_555 ? 
6  AC1 9 DG  B 2  ? DG  B 2   . ? 1_555 ? 
7  AC1 9 DG  B 3  ? DG  B 3   . ? 1_555 ? 
8  AC1 9 DG  B 10 ? DG  B 10  . ? 1_555 ? 
9  AC1 9 DG  B 11 ? DG  B 11  . ? 1_555 ? 
10 AC2 7 DG  A 4  ? DG  A 4   . ? 1_555 ? 
11 AC2 7 DT  A 5  ? DT  A 5   . ? 1_555 ? 
12 AC2 7 DT  A 7  ? DT  A 7   . ? 1_555 ? 
13 AC2 7 DG  A 9  ? DG  A 9   . ? 1_555 ? 
14 AC2 7 K   E .  ? K   A 103 . ? 1_555 ? 
15 AC2 7 DG  B 1  ? DG  B 1   . ? 1_555 ? 
16 AC2 7 DG  B 12 ? DG  B 12  . ? 1_555 ? 
17 AC3 9 DG  A 3  ? DG  A 3   . ? 1_555 ? 
18 AC3 9 DG  A 4  ? DG  A 4   . ? 1_555 ? 
19 AC3 9 DG  A 9  ? DG  A 9   . ? 1_555 ? 
20 AC3 9 DG  A 10 ? DG  A 10  . ? 1_555 ? 
21 AC3 9 K   D .  ? K   A 102 . ? 1_555 ? 
22 AC3 9 DG  B 1  ? DG  B 1   . ? 1_555 ? 
23 AC3 9 DG  B 2  ? DG  B 2   . ? 1_555 ? 
24 AC3 9 DG  B 11 ? DG  B 11  . ? 1_555 ? 
25 AC3 9 DG  B 12 ? DG  B 12  . ? 1_555 ? 
26 AC4 9 DG  A 1  ? DG  A 1   . ? 1_555 ? 
27 AC4 9 DG  A 2  ? DG  A 2   . ? 1_555 ? 
28 AC4 9 DG  A 11 ? DG  A 11  . ? 1_555 ? 
29 AC4 9 DG  A 12 ? DG  A 12  . ? 1_555 ? 
30 AC4 9 K   C .  ? K   A 101 . ? 1_555 ? 
31 AC4 9 DG  B 3  ? DG  B 3   . ? 1_555 ? 
32 AC4 9 DG  B 4  ? DG  B 4   . ? 1_555 ? 
33 AC4 9 DG  B 9  ? DG  B 9   . ? 1_555 ? 
34 AC4 9 DG  B 10 ? DG  B 10  . ? 1_555 ? 
35 AC5 3 DG  A 3  ? DG  A 3   . ? 1_665 ? 
36 AC5 3 DT  A 8  ? DT  A 8   . ? 1_555 ? 
37 AC5 3 HOH H .  ? HOH A 204 . ? 1_555 ? 
# 
loop_
_pdbx_validate_rmsd_angle.id 
_pdbx_validate_rmsd_angle.PDB_model_num 
_pdbx_validate_rmsd_angle.auth_atom_id_1 
_pdbx_validate_rmsd_angle.auth_asym_id_1 
_pdbx_validate_rmsd_angle.auth_comp_id_1 
_pdbx_validate_rmsd_angle.auth_seq_id_1 
_pdbx_validate_rmsd_angle.PDB_ins_code_1 
_pdbx_validate_rmsd_angle.label_alt_id_1 
_pdbx_validate_rmsd_angle.auth_atom_id_2 
_pdbx_validate_rmsd_angle.auth_asym_id_2 
_pdbx_validate_rmsd_angle.auth_comp_id_2 
_pdbx_validate_rmsd_angle.auth_seq_id_2 
_pdbx_validate_rmsd_angle.PDB_ins_code_2 
_pdbx_validate_rmsd_angle.label_alt_id_2 
_pdbx_validate_rmsd_angle.auth_atom_id_3 
_pdbx_validate_rmsd_angle.auth_asym_id_3 
_pdbx_validate_rmsd_angle.auth_comp_id_3 
_pdbx_validate_rmsd_angle.auth_seq_id_3 
_pdbx_validate_rmsd_angle.PDB_ins_code_3 
_pdbx_validate_rmsd_angle.label_alt_id_3 
_pdbx_validate_rmsd_angle.angle_value 
_pdbx_validate_rmsd_angle.angle_target_value 
_pdbx_validate_rmsd_angle.angle_deviation 
_pdbx_validate_rmsd_angle.angle_standard_deviation 
_pdbx_validate_rmsd_angle.linker_flag 
1 1 "C3'" A DG 10 ? ? "C2'" A DG 10 ? ? "C1'" A DG 10 ? ? 97.07 102.40 -5.33 0.80 N 
2 1 "C3'" A DG 12 ? ? "C2'" A DG 12 ? ? "C1'" A DG 12 ? ? 97.10 102.40 -5.30 0.80 N 
# 
loop_
_chem_comp_atom.comp_id 
_chem_comp_atom.atom_id 
_chem_comp_atom.type_symbol 
_chem_comp_atom.pdbx_aromatic_flag 
_chem_comp_atom.pdbx_stereo_config 
_chem_comp_atom.pdbx_ordinal 
61Q NAB    N N N 1   
61Q CAF    C N N 2   
61Q CAD    C N N 3   
61Q CAA    C N N 4   
61Q OAW    O N N 5   
61Q CCR    C Y N 6   
61Q CCQ    C Y N 7   
61Q CCP    C Y N 8   
61Q COW    C N N 9   
61Q OAX    O N N 10  
61Q OBI    O N N 11  
61Q NBH    N Y N 12  
61Q CCO    C Y N 13  
61Q CCS    C Y N 14  
61Q CCT    C Y N 15  
61Q CCU    C Y N 16  
61Q CCV    C Y N 17  
61Q CCN    C Y N 18  
61Q NBG    N N N 19  
61Q CCM    C N N 20  
61Q OAV    O N N 21  
61Q CCF    C Y N 22  
61Q CCG    C Y N 23  
61Q CCH    C Y N 24  
61Q OAU    O N N 25  
61Q CAH    C N N 26  
61Q CAK    C N N 27  
61Q CAL    C N N 28  
61Q NAE    N N N 29  
61Q NBF    N Y N 30  
61Q CCE    C Y N 31  
61Q CCI    C Y N 32  
61Q CCJ    C Y N 33  
61Q CCK    C Y N 34  
61Q CCL    C Y N 35  
61Q CCD    C Y N 36  
61Q NBE    N N N 37  
61Q CCC    C N N 38  
61Q OAR    O N N 39  
61Q CBV    C Y N 40  
61Q CBW    C Y N 41  
61Q CBX    C Y N 42  
61Q OAN    O N N 43  
61Q CAM    C N N 44  
61Q CAO    C N N 45  
61Q CAP    C N N 46  
61Q NAG    N N N 47  
61Q NBD    N Y N 48  
61Q CBU    C Y N 49  
61Q CBY    C Y N 50  
61Q CBZ    C Y N 51  
61Q CCA    C Y N 52  
61Q CCB    C Y N 53  
61Q CBT    C Y N 54  
61Q NBC    N N N 55  
61Q CBS    C N N 56  
61Q OAJ    O N N 57  
61Q CBQ    C Y N 58  
61Q CBR    C Y N 59  
61Q NBB    N Y N 60  
61Q CBP    C Y N 61  
61Q CBO    C Y N 62  
61Q NBA    N N N 63  
61Q OAY    O N N 64  
61Q OAZ    O N N 65  
61Q CBN    C Y N 66  
61Q CBM    C Y N 67  
61Q CBL    C Y N 68  
61Q CBK    C Y N 69  
61Q CBJ    C Y N 70  
61Q OAC    O N N 71  
61Q CAQ    C N N 72  
61Q CAS    C N N 73  
61Q CAT    C N N 74  
61Q NAI    N N N 75  
61Q H1     H N N 76  
61Q H2     H N N 77  
61Q H4     H N N 78  
61Q H5     H N N 79  
61Q H6     H N N 80  
61Q H7     H N N 81  
61Q H8     H N N 82  
61Q H9     H N N 83  
61Q H10    H N N 84  
61Q H11    H N N 85  
61Q H12    H N N 86  
61Q H13    H N N 87  
61Q H14    H N N 88  
61Q H15    H N N 89  
61Q H16    H N N 90  
61Q H17    H N N 91  
61Q H18    H N N 92  
61Q H19    H N N 93  
61Q H20    H N N 94  
61Q H21    H N N 95  
61Q H22    H N N 96  
61Q H23    H N N 97  
61Q H24    H N N 98  
61Q H26    H N N 99  
61Q H27    H N N 100 
61Q H28    H N N 101 
61Q H29    H N N 102 
61Q H30    H N N 103 
61Q H31    H N N 104 
61Q H32    H N N 105 
61Q H33    H N N 106 
61Q H34    H N N 107 
61Q H35    H N N 108 
61Q H36    H N N 109 
61Q H37    H N N 110 
61Q H38    H N N 111 
61Q H40    H N N 112 
61Q H41    H N N 113 
61Q H42    H N N 114 
61Q H43    H N N 115 
61Q H44    H N N 116 
61Q H45    H N N 117 
61Q H46    H N N 118 
61Q H47    H N N 119 
61Q H48    H N N 120 
61Q H49    H N N 121 
61Q H50    H N N 122 
61Q H51    H N N 123 
61Q H52    H N N 124 
61Q H53    H N N 125 
61Q H54    H N N 126 
61Q H55    H N N 127 
DG  OP3    O N N 128 
DG  P      P N N 129 
DG  OP1    O N N 130 
DG  OP2    O N N 131 
DG  "O5'"  O N N 132 
DG  "C5'"  C N N 133 
DG  "C4'"  C N R 134 
DG  "O4'"  O N N 135 
DG  "C3'"  C N S 136 
DG  "O3'"  O N N 137 
DG  "C2'"  C N N 138 
DG  "C1'"  C N R 139 
DG  N9     N Y N 140 
DG  C8     C Y N 141 
DG  N7     N Y N 142 
DG  C5     C Y N 143 
DG  C6     C N N 144 
DG  O6     O N N 145 
DG  N1     N N N 146 
DG  C2     C N N 147 
DG  N2     N N N 148 
DG  N3     N N N 149 
DG  C4     C Y N 150 
DG  HOP3   H N N 151 
DG  HOP2   H N N 152 
DG  "H5'"  H N N 153 
DG  "H5''" H N N 154 
DG  "H4'"  H N N 155 
DG  "H3'"  H N N 156 
DG  "HO3'" H N N 157 
DG  "H2'"  H N N 158 
DG  "H2''" H N N 159 
DG  "H1'"  H N N 160 
DG  H8     H N N 161 
DG  H1     H N N 162 
DG  H21    H N N 163 
DG  H22    H N N 164 
DT  OP3    O N N 165 
DT  P      P N N 166 
DT  OP1    O N N 167 
DT  OP2    O N N 168 
DT  "O5'"  O N N 169 
DT  "C5'"  C N N 170 
DT  "C4'"  C N R 171 
DT  "O4'"  O N N 172 
DT  "C3'"  C N S 173 
DT  "O3'"  O N N 174 
DT  "C2'"  C N N 175 
DT  "C1'"  C N R 176 
DT  N1     N N N 177 
DT  C2     C N N 178 
DT  O2     O N N 179 
DT  N3     N N N 180 
DT  C4     C N N 181 
DT  O4     O N N 182 
DT  C5     C N N 183 
DT  C7     C N N 184 
DT  C6     C N N 185 
DT  HOP3   H N N 186 
DT  HOP2   H N N 187 
DT  "H5'"  H N N 188 
DT  "H5''" H N N 189 
DT  "H4'"  H N N 190 
DT  "H3'"  H N N 191 
DT  "HO3'" H N N 192 
DT  "H2'"  H N N 193 
DT  "H2''" H N N 194 
DT  "H1'"  H N N 195 
DT  H3     H N N 196 
DT  H71    H N N 197 
DT  H72    H N N 198 
DT  H73    H N N 199 
DT  H6     H N N 200 
HOH O      O N N 201 
HOH H1     H N N 202 
HOH H2     H N N 203 
K   K      K N N 204 
# 
loop_
_chem_comp_bond.comp_id 
_chem_comp_bond.atom_id_1 
_chem_comp_bond.atom_id_2 
_chem_comp_bond.value_order 
_chem_comp_bond.pdbx_aromatic_flag 
_chem_comp_bond.pdbx_stereo_config 
_chem_comp_bond.pdbx_ordinal 
61Q OAY   NBA    doub N N 1   
61Q NBA   OAZ    sing N N 2   
61Q NBA   CBO    sing N N 3   
61Q CBN   CBO    doub Y N 4   
61Q CBN   CBM    sing Y N 5   
61Q OAN   CBX    sing N N 6   
61Q OAN   CAM    sing N N 7   
61Q CAP   NAG    sing N N 8   
61Q CAP   CAO    sing N N 9   
61Q CBO   CBP    sing Y N 10  
61Q CAO   CAM    sing N N 11  
61Q CCK   CCL    doub Y N 12  
61Q CCK   CCJ    sing Y N 13  
61Q CBM   CBL    doub Y N 14  
61Q CBX   CBW    doub Y N 15  
61Q CBX   CBY    sing Y N 16  
61Q CBZ   CBY    doub Y N 17  
61Q CBZ   CCA    sing Y N 18  
61Q CCL   CCD    sing Y N 19  
61Q CBW   CBV    sing Y N 20  
61Q CBY   CBU    sing Y N 21  
61Q CCA   CCB    doub Y N 22  
61Q CAK   CAL    sing N N 23  
61Q CAK   CAH    sing N N 24  
61Q CBV   CCC    sing N N 25  
61Q CBV   NBD    doub Y N 26  
61Q OAR   CCC    doub N N 27  
61Q CBU   NBD    sing Y N 28  
61Q CBU   CBT    doub Y N 29  
61Q CBP   NBB    doub Y N 30  
61Q CBP   CBK    sing Y N 31  
61Q CCJ   CCI    doub Y N 32  
61Q CCB   CBT    sing Y N 33  
61Q CCC   NBE    sing N N 34  
61Q CBT   NBC    sing N N 35  
61Q CCD   NBE    sing N N 36  
61Q CCD   CCE    doub Y N 37  
61Q NBB   CBQ    sing Y N 38  
61Q CBL   CBK    sing Y N 39  
61Q CAL   NAE    sing N N 40  
61Q NBC   CBS    sing N N 41  
61Q CAH   OAU    sing N N 42  
61Q CBK   CBJ    doub Y N 43  
61Q CCI   CCE    sing Y N 44  
61Q CCI   CCH    sing Y N 45  
61Q CCE   NBF    sing Y N 46  
61Q CBQ   CBS    sing N N 47  
61Q CBQ   CBR    doub Y N 48  
61Q OAU   CCH    sing N N 49  
61Q CBS   OAJ    doub N N 50  
61Q CCH   CCG    doub Y N 51  
61Q CBJ   CBR    sing Y N 52  
61Q CBJ   OAC    sing N N 53  
61Q NBF   CCF    doub Y N 54  
61Q CCG   CCF    sing Y N 55  
61Q OAC   CAQ    sing N N 56  
61Q CCF   CCM    sing N N 57  
61Q OBI   COW    doub N N 58  
61Q OAX   COW    sing N N 59  
61Q COW   CCP    sing N N 60  
61Q NBG   CCM    sing N N 61  
61Q NBG   CCN    sing N N 62  
61Q CCM   OAV    doub N N 63  
61Q CAQ   CAS    sing N N 64  
61Q NBH   CCP    doub Y N 65  
61Q NBH   CCO    sing Y N 66  
61Q CCP   CCQ    sing Y N 67  
61Q CAS   CAT    sing N N 68  
61Q CCN   CCO    doub Y N 69  
61Q CCN   CCV    sing Y N 70  
61Q CCO   CCS    sing Y N 71  
61Q CCQ   CCR    doub Y N 72  
61Q CCV   CCU    doub Y N 73  
61Q CAT   NAI    sing N N 74  
61Q CCS   CCR    sing Y N 75  
61Q CCS   CCT    doub Y N 76  
61Q CCR   OAW    sing N N 77  
61Q CCU   CCT    sing Y N 78  
61Q CAA   OAW    sing N N 79  
61Q CAA   CAD    sing N N 80  
61Q NAB   CAF    sing N N 81  
61Q CAF   CAD    sing N N 82  
61Q NAB   H1     sing N N 83  
61Q NAB   H2     sing N N 84  
61Q CAF   H4     sing N N 85  
61Q CAF   H5     sing N N 86  
61Q CAD   H6     sing N N 87  
61Q CAD   H7     sing N N 88  
61Q CAA   H8     sing N N 89  
61Q CAA   H9     sing N N 90  
61Q CCQ   H10    sing N N 91  
61Q OAX   H11    sing N N 92  
61Q CCT   H12    sing N N 93  
61Q CCU   H13    sing N N 94  
61Q CCV   H14    sing N N 95  
61Q NBG   H15    sing N N 96  
61Q CCG   H16    sing N N 97  
61Q CAH   H17    sing N N 98  
61Q CAH   H18    sing N N 99  
61Q CAK   H19    sing N N 100 
61Q CAK   H20    sing N N 101 
61Q CAL   H21    sing N N 102 
61Q CAL   H22    sing N N 103 
61Q NAE   H23    sing N N 104 
61Q NAE   H24    sing N N 105 
61Q CCJ   H26    sing N N 106 
61Q CCK   H27    sing N N 107 
61Q CCL   H28    sing N N 108 
61Q NBE   H29    sing N N 109 
61Q CBW   H30    sing N N 110 
61Q CAM   H31    sing N N 111 
61Q CAM   H32    sing N N 112 
61Q CAO   H33    sing N N 113 
61Q CAO   H34    sing N N 114 
61Q CAP   H35    sing N N 115 
61Q CAP   H36    sing N N 116 
61Q NAG   H37    sing N N 117 
61Q NAG   H38    sing N N 118 
61Q CBZ   H40    sing N N 119 
61Q CCA   H41    sing N N 120 
61Q CCB   H42    sing N N 121 
61Q NBC   H43    sing N N 122 
61Q CBR   H44    sing N N 123 
61Q CBN   H45    sing N N 124 
61Q CBM   H46    sing N N 125 
61Q CBL   H47    sing N N 126 
61Q CAQ   H48    sing N N 127 
61Q CAQ   H49    sing N N 128 
61Q CAS   H50    sing N N 129 
61Q CAS   H51    sing N N 130 
61Q CAT   H52    sing N N 131 
61Q CAT   H53    sing N N 132 
61Q NAI   H54    sing N N 133 
61Q NAI   H55    sing N N 134 
DG  OP3   P      sing N N 135 
DG  OP3   HOP3   sing N N 136 
DG  P     OP1    doub N N 137 
DG  P     OP2    sing N N 138 
DG  P     "O5'"  sing N N 139 
DG  OP2   HOP2   sing N N 140 
DG  "O5'" "C5'"  sing N N 141 
DG  "C5'" "C4'"  sing N N 142 
DG  "C5'" "H5'"  sing N N 143 
DG  "C5'" "H5''" sing N N 144 
DG  "C4'" "O4'"  sing N N 145 
DG  "C4'" "C3'"  sing N N 146 
DG  "C4'" "H4'"  sing N N 147 
DG  "O4'" "C1'"  sing N N 148 
DG  "C3'" "O3'"  sing N N 149 
DG  "C3'" "C2'"  sing N N 150 
DG  "C3'" "H3'"  sing N N 151 
DG  "O3'" "HO3'" sing N N 152 
DG  "C2'" "C1'"  sing N N 153 
DG  "C2'" "H2'"  sing N N 154 
DG  "C2'" "H2''" sing N N 155 
DG  "C1'" N9     sing N N 156 
DG  "C1'" "H1'"  sing N N 157 
DG  N9    C8     sing Y N 158 
DG  N9    C4     sing Y N 159 
DG  C8    N7     doub Y N 160 
DG  C8    H8     sing N N 161 
DG  N7    C5     sing Y N 162 
DG  C5    C6     sing N N 163 
DG  C5    C4     doub Y N 164 
DG  C6    O6     doub N N 165 
DG  C6    N1     sing N N 166 
DG  N1    C2     sing N N 167 
DG  N1    H1     sing N N 168 
DG  C2    N2     sing N N 169 
DG  C2    N3     doub N N 170 
DG  N2    H21    sing N N 171 
DG  N2    H22    sing N N 172 
DG  N3    C4     sing N N 173 
DT  OP3   P      sing N N 174 
DT  OP3   HOP3   sing N N 175 
DT  P     OP1    doub N N 176 
DT  P     OP2    sing N N 177 
DT  P     "O5'"  sing N N 178 
DT  OP2   HOP2   sing N N 179 
DT  "O5'" "C5'"  sing N N 180 
DT  "C5'" "C4'"  sing N N 181 
DT  "C5'" "H5'"  sing N N 182 
DT  "C5'" "H5''" sing N N 183 
DT  "C4'" "O4'"  sing N N 184 
DT  "C4'" "C3'"  sing N N 185 
DT  "C4'" "H4'"  sing N N 186 
DT  "O4'" "C1'"  sing N N 187 
DT  "C3'" "O3'"  sing N N 188 
DT  "C3'" "C2'"  sing N N 189 
DT  "C3'" "H3'"  sing N N 190 
DT  "O3'" "HO3'" sing N N 191 
DT  "C2'" "C1'"  sing N N 192 
DT  "C2'" "H2'"  sing N N 193 
DT  "C2'" "H2''" sing N N 194 
DT  "C1'" N1     sing N N 195 
DT  "C1'" "H1'"  sing N N 196 
DT  N1    C2     sing N N 197 
DT  N1    C6     sing N N 198 
DT  C2    O2     doub N N 199 
DT  C2    N3     sing N N 200 
DT  N3    C4     sing N N 201 
DT  N3    H3     sing N N 202 
DT  C4    O4     doub N N 203 
DT  C4    C5     sing N N 204 
DT  C5    C7     sing N N 205 
DT  C5    C6     doub N N 206 
DT  C7    H71    sing N N 207 
DT  C7    H72    sing N N 208 
DT  C7    H73    sing N N 209 
DT  C6    H6     sing N N 210 
HOH O     H1     sing N N 211 
HOH O     H2     sing N N 212 
# 
_pdbx_audit_support.funding_organization   'European Research Council' 
_pdbx_audit_support.country                France 
_pdbx_audit_support.grant_number           ERC-2012-AdG-320892 
_pdbx_audit_support.ordinal                1 
# 
_pdbx_initial_refinement_model.id               1 
_pdbx_initial_refinement_model.entity_id_list   ? 
_pdbx_initial_refinement_model.type             'experimental model' 
_pdbx_initial_refinement_model.source_name      PDB 
_pdbx_initial_refinement_model.accession_code   1JRN 
_pdbx_initial_refinement_model.details          ? 
# 
loop_
_pdbx_reflns_twin.domain_id 
_pdbx_reflns_twin.crystal_id 
_pdbx_reflns_twin.diffrn_id 
_pdbx_reflns_twin.type 
_pdbx_reflns_twin.operator 
_pdbx_reflns_twin.fraction 
1 1 1 ? 'H, K, L'   0.519 
2 1 1 ? '-H, K, -L' 0.481 
# 
_atom_sites.entry_id                    5HIX 
_atom_sites.fract_transf_matrix[1][1]   0.02562531 
_atom_sites.fract_transf_matrix[1][2]   -0.01453145 
_atom_sites.fract_transf_matrix[1][3]   0.01128128 
_atom_sites.fract_transf_matrix[2][1]   0.00037560 
_atom_sites.fract_transf_matrix[2][2]   0.01975359 
_atom_sites.fract_transf_matrix[2][3]   0.02459150 
_atom_sites.fract_transf_matrix[3][1]   -0.00598803 
_atom_sites.fract_transf_matrix[3][2]   -0.00646001 
_atom_sites.fract_transf_matrix[3][3]   0.00528059 
_atom_sites.fract_transf_vector[1]      0.407397 
_atom_sites.fract_transf_vector[2]      0.573198 
_atom_sites.fract_transf_vector[3]      0.009992 
# 
loop_
_atom_type.symbol 
C 
K 
N 
O 
P 
# 
loop_
_atom_site.group_PDB 
_atom_site.id 
_atom_site.type_symbol 
_atom_site.label_atom_id 
_atom_site.label_alt_id 
_atom_site.label_comp_id 
_atom_site.label_asym_id 
_atom_site.label_entity_id 
_atom_site.label_seq_id 
_atom_site.pdbx_PDB_ins_code 
_atom_site.Cartn_x 
_atom_site.Cartn_y 
_atom_site.Cartn_z 
_atom_site.occupancy 
_atom_site.B_iso_or_equiv 
_atom_site.pdbx_formal_charge 
_atom_site.auth_seq_id 
_atom_site.auth_comp_id 
_atom_site.auth_asym_id 
_atom_site.auth_atom_id 
_atom_site.pdbx_PDB_model_num 
ATOM   1   O "O5'" . DG  A 1 1  ? -0.247  -6.945  -10.134 1.00 41.71  ? 1   DG  A "O5'" 1 
ATOM   2   C "C5'" . DG  A 1 1  ? -1.298  -7.564  -10.902 1.00 43.71  ? 1   DG  A "C5'" 1 
ATOM   3   C "C4'" . DG  A 1 1  ? -2.173  -6.545  -11.595 1.00 46.52  ? 1   DG  A "C4'" 1 
ATOM   4   O "O4'" . DG  A 1 1  ? -3.328  -6.171  -10.804 1.00 50.50  ? 1   DG  A "O4'" 1 
ATOM   5   C "C3'" . DG  A 1 1  ? -1.498  -5.229  -11.947 1.00 54.12  ? 1   DG  A "C3'" 1 
ATOM   6   O "O3'" . DG  A 1 1  ? -1.985  -4.770  -13.207 1.00 59.74  ? 1   DG  A "O3'" 1 
ATOM   7   C "C2'" . DG  A 1 1  ? -1.971  -4.295  -10.853 1.00 50.67  ? 1   DG  A "C2'" 1 
ATOM   8   C "C1'" . DG  A 1 1  ? -3.395  -4.760  -10.699 1.00 50.31  ? 1   DG  A "C1'" 1 
ATOM   9   N N9    . DG  A 1 1  ? -3.982  -4.450  -9.409  1.00 49.82  ? 1   DG  A N9    1 
ATOM   10  C C8    . DG  A 1 1  ? -5.107  -3.702  -9.156  1.00 51.08  ? 1   DG  A C8    1 
ATOM   11  N N7    . DG  A 1 1  ? -5.398  -3.631  -7.886  1.00 52.09  ? 1   DG  A N7    1 
ATOM   12  C C5    . DG  A 1 1  ? -4.423  -4.403  -7.268  1.00 57.91  ? 1   DG  A C5    1 
ATOM   13  C C6    . DG  A 1 1  ? -4.213  -4.688  -5.901  1.00 49.33  ? 1   DG  A C6    1 
ATOM   14  O O6    . DG  A 1 1  ? -4.868  -4.297  -4.922  1.00 55.45  ? 1   DG  A O6    1 
ATOM   15  N N1    . DG  A 1 1  ? -3.081  -5.476  -5.711  1.00 37.12  ? 1   DG  A N1    1 
ATOM   16  C C2    . DG  A 1 1  ? -2.272  -5.951  -6.714  1.00 44.06  ? 1   DG  A C2    1 
ATOM   17  N N2    . DG  A 1 1  ? -1.244  -6.716  -6.336  1.00 37.84  ? 1   DG  A N2    1 
ATOM   18  N N3    . DG  A 1 1  ? -2.469  -5.707  -7.994  1.00 42.58  ? 1   DG  A N3    1 
ATOM   19  C C4    . DG  A 1 1  ? -3.546  -4.920  -8.196  1.00 57.49  ? 1   DG  A C4    1 
ATOM   20  P P     . DG  A 1 2  ? -1.251  -3.574  -13.877 1.00 58.71  ? 2   DG  A P     1 
ATOM   21  O OP1   . DG  A 1 2  ? -1.700  -3.532  -15.277 1.00 62.13  ? 2   DG  A OP1   1 
ATOM   22  O OP2   . DG  A 1 2  ? 0.200   -3.754  -13.578 1.00 41.96  ? 2   DG  A OP2   1 
ATOM   23  O "O5'" . DG  A 1 2  ? -1.954  -2.340  -13.153 1.00 50.63  ? 2   DG  A "O5'" 1 
ATOM   24  C "C5'" . DG  A 1 2  ? -3.388  -2.352  -13.123 1.00 49.61  ? 2   DG  A "C5'" 1 
ATOM   25  C "C4'" . DG  A 1 2  ? -3.990  -1.146  -12.438 1.00 53.93  ? 2   DG  A "C4'" 1 
ATOM   26  O "O4'" . DG  A 1 2  ? -4.171  -1.381  -11.017 1.00 61.08  ? 2   DG  A "O4'" 1 
ATOM   27  C "C3'" . DG  A 1 2  ? -3.197  0.148   -12.527 1.00 56.00  ? 2   DG  A "C3'" 1 
ATOM   28  O "O3'" . DG  A 1 2  ? -4.151  1.211   -12.438 1.00 60.50  ? 2   DG  A "O3'" 1 
ATOM   29  C "C2'" . DG  A 1 2  ? -2.436  0.138   -11.222 1.00 56.27  ? 2   DG  A "C2'" 1 
ATOM   30  C "C1'" . DG  A 1 2  ? -3.552  -0.329  -10.301 1.00 55.44  ? 2   DG  A "C1'" 1 
ATOM   31  N N9    . DG  A 1 2  ? -3.117  -0.850  -9.009  1.00 48.67  ? 2   DG  A N9    1 
ATOM   32  C C8    . DG  A 1 2  ? -1.975  -1.569  -8.758  1.00 43.49  ? 2   DG  A C8    1 
ATOM   33  N N7    . DG  A 1 2  ? -1.816  -1.853  -7.495  1.00 44.56  ? 2   DG  A N7    1 
ATOM   34  C C5    . DG  A 1 2  ? -2.945  -1.330  -6.878  1.00 51.57  ? 2   DG  A C5    1 
ATOM   35  C C6    . DG  A 1 2  ? -3.353  -1.350  -5.505  1.00 48.06  ? 2   DG  A C6    1 
ATOM   36  O O6    . DG  A 1 2  ? -2.776  -1.859  -4.520  1.00 44.18  ? 2   DG  A O6    1 
ATOM   37  N N1    . DG  A 1 2  ? -4.551  -0.674  -5.323  1.00 48.04  ? 2   DG  A N1    1 
ATOM   38  C C2    . DG  A 1 2  ? -5.280  -0.076  -6.318  1.00 56.70  ? 2   DG  A C2    1 
ATOM   39  N N2    . DG  A 1 2  ? -6.415  0.522   -5.936  1.00 54.65  ? 2   DG  A N2    1 
ATOM   40  N N3    . DG  A 1 2  ? -4.924  -0.057  -7.592  1.00 50.60  ? 2   DG  A N3    1 
ATOM   41  C C4    . DG  A 1 2  ? -3.752  -0.695  -7.799  1.00 49.05  ? 2   DG  A C4    1 
ATOM   42  P P     . DG  A 1 3  ? -3.787  2.666   -12.955 1.00 55.48  ? 3   DG  A P     1 
ATOM   43  O OP1   . DG  A 1 3  ? -3.970  2.657   -14.424 1.00 65.61  ? 3   DG  A OP1   1 
ATOM   44  O OP2   . DG  A 1 3  ? -2.496  3.051   -12.345 1.00 52.71  ? 3   DG  A OP2   1 
ATOM   45  O "O5'" . DG  A 1 3  ? -4.885  3.594   -12.271 1.00 50.25  ? 3   DG  A "O5'" 1 
ATOM   46  C "C5'" . DG  A 1 3  ? -5.248  3.292   -10.926 1.00 57.46  ? 3   DG  A "C5'" 1 
ATOM   47  C "C4'" . DG  A 1 3  ? -5.991  4.434   -10.280 1.00 59.20  ? 3   DG  A "C4'" 1 
ATOM   48  O "O4'" . DG  A 1 3  ? -6.199  4.102   -8.886  1.00 61.95  ? 3   DG  A "O4'" 1 
ATOM   49  C "C3'" . DG  A 1 3  ? -5.283  5.782   -10.278 1.00 59.60  ? 3   DG  A "C3'" 1 
ATOM   50  O "O3'" . DG  A 1 3  ? -6.311  6.769   -10.290 1.00 61.46  ? 3   DG  A "O3'" 1 
ATOM   51  C "C2'" . DG  A 1 3  ? -4.613  5.814   -8.920  1.00 58.97  ? 3   DG  A "C2'" 1 
ATOM   52  C "C1'" . DG  A 1 3  ? -5.663  5.120   -8.067  1.00 57.76  ? 3   DG  A "C1'" 1 
ATOM   53  N N9    . DG  A 1 3  ? -5.197  4.506   -6.828  1.00 46.32  ? 3   DG  A N9    1 
ATOM   54  C C8    . DG  A 1 3  ? -5.769  4.635   -5.586  1.00 41.37  ? 3   DG  A C8    1 
ATOM   55  N N7    . DG  A 1 3  ? -5.112  4.004   -4.650  1.00 38.48  ? 3   DG  A N7    1 
ATOM   56  C C5    . DG  A 1 3  ? -4.060  3.399   -5.320  1.00 36.52  ? 3   DG  A C5    1 
ATOM   57  C C6    . DG  A 1 3  ? -3.011  2.588   -4.833  1.00 42.38  ? 3   DG  A C6    1 
ATOM   58  O O6    . DG  A 1 3  ? -2.786  2.232   -3.673  1.00 58.69  ? 3   DG  A O6    1 
ATOM   59  N N1    . DG  A 1 3  ? -2.148  2.204   -5.850  1.00 47.34  ? 3   DG  A N1    1 
ATOM   60  C C2    . DG  A 1 3  ? -2.272  2.561   -7.167  1.00 45.52  ? 3   DG  A C2    1 
ATOM   61  N N2    . DG  A 1 3  ? -1.330  2.099   -8.001  1.00 57.00  ? 3   DG  A N2    1 
ATOM   62  N N3    . DG  A 1 3  ? -3.242  3.323   -7.634  1.00 47.27  ? 3   DG  A N3    1 
ATOM   63  C C4    . DG  A 1 3  ? -4.088  3.713   -6.661  1.00 42.39  ? 3   DG  A C4    1 
ATOM   64  P P     . DG  A 1 4  ? -5.957  8.289   -10.542 1.00 69.39  ? 4   DG  A P     1 
ATOM   65  O OP1   . DG  A 1 4  ? -7.064  8.878   -11.333 1.00 63.54  ? 4   DG  A OP1   1 
ATOM   66  O OP2   . DG  A 1 4  ? -4.548  8.359   -11.013 1.00 73.62  ? 4   DG  A OP2   1 
ATOM   67  O "O5'" . DG  A 1 4  ? -6.079  8.933   -9.097  1.00 60.18  ? 4   DG  A "O5'" 1 
ATOM   68  C "C5'" . DG  A 1 4  ? -7.233  8.638   -8.312  1.00 63.92  ? 4   DG  A "C5'" 1 
ATOM   69  C "C4'" . DG  A 1 4  ? -6.913  8.896   -6.863  1.00 62.25  ? 4   DG  A "C4'" 1 
ATOM   70  O "O4'" . DG  A 1 4  ? -5.954  7.914   -6.411  1.00 66.03  ? 4   DG  A "O4'" 1 
ATOM   71  C "C3'" . DG  A 1 4  ? -6.285  10.261  -6.587  1.00 61.75  ? 4   DG  A "C3'" 1 
ATOM   72  O "O3'" . DG  A 1 4  ? -7.059  10.895  -5.571  1.00 78.28  ? 4   DG  A "O3'" 1 
ATOM   73  C "C2'" . DG  A 1 4  ? -4.873  9.928   -6.131  1.00 65.50  ? 4   DG  A "C2'" 1 
ATOM   74  C "C1'" . DG  A 1 4  ? -5.042  8.550   -5.543  1.00 62.94  ? 4   DG  A "C1'" 1 
ATOM   75  N N9    . DG  A 1 4  ? -3.838  7.727   -5.483  1.00 67.68  ? 4   DG  A N9    1 
ATOM   76  C C8    . DG  A 1 4  ? -2.937  7.509   -6.497  1.00 74.07  ? 4   DG  A C8    1 
ATOM   77  N N7    . DG  A 1 4  ? -1.964  6.708   -6.156  1.00 72.04  ? 4   DG  A N7    1 
ATOM   78  C C5    . DG  A 1 4  ? -2.247  6.364   -4.841  1.00 74.36  ? 4   DG  A C5    1 
ATOM   79  C C6    . DG  A 1 4  ? -1.544  5.522   -3.938  1.00 77.53  ? 4   DG  A C6    1 
ATOM   80  O O6    . DG  A 1 4  ? -0.482  4.911   -4.115  1.00 76.33  ? 4   DG  A O6    1 
ATOM   81  N N1    . DG  A 1 4  ? -2.188  5.444   -2.708  1.00 73.75  ? 4   DG  A N1    1 
ATOM   82  C C2    . DG  A 1 4  ? -3.346  6.098   -2.380  1.00 69.96  ? 4   DG  A C2    1 
ATOM   83  N N2    . DG  A 1 4  ? -3.802  5.904   -1.136  1.00 72.74  ? 4   DG  A N2    1 
ATOM   84  N N3    . DG  A 1 4  ? -4.012  6.882   -3.211  1.00 72.88  ? 4   DG  A N3    1 
ATOM   85  C C4    . DG  A 1 4  ? -3.407  6.973   -4.415  1.00 75.00  ? 4   DG  A C4    1 
ATOM   86  P P     . DT  A 1 5  ? -6.658  12.324  -5.013  1.00 75.53  ? 5   DT  A P     1 
ATOM   87  O OP1   . DT  A 1 5  ? -7.904  13.024  -4.615  1.00 85.01  ? 5   DT  A OP1   1 
ATOM   88  O OP2   . DT  A 1 5  ? -5.735  12.949  -5.987  1.00 80.65  ? 5   DT  A OP2   1 
ATOM   89  O "O5'" . DT  A 1 5  ? -5.915  11.986  -3.647  1.00 67.69  ? 5   DT  A "O5'" 1 
ATOM   90  C "C5'" . DT  A 1 5  ? -4.643  12.561  -3.304  1.00 67.49  ? 5   DT  A "C5'" 1 
ATOM   91  C "C4'" . DT  A 1 5  ? -3.900  11.626  -2.380  1.00 60.71  ? 5   DT  A "C4'" 1 
ATOM   92  O "O4'" . DT  A 1 5  ? -3.469  10.480  -3.142  1.00 64.30  ? 5   DT  A "O4'" 1 
ATOM   93  C "C3'" . DT  A 1 5  ? -2.634  12.198  -1.754  1.00 56.09  ? 5   DT  A "C3'" 1 
ATOM   94  O "O3'" . DT  A 1 5  ? -2.936  12.731  -0.474  1.00 56.50  ? 5   DT  A "O3'" 1 
ATOM   95  C "C2'" . DT  A 1 5  ? -1.734  10.990  -1.584  1.00 54.11  ? 5   DT  A "C2'" 1 
ATOM   96  C "C1'" . DT  A 1 5  ? -2.266  9.964   -2.586  1.00 57.20  ? 5   DT  A "C1'" 1 
ATOM   97  N N1    . DT  A 1 5  ? -1.340  9.667   -3.691  1.00 52.65  ? 5   DT  A N1    1 
ATOM   98  C C2    . DT  A 1 5  ? -0.246  8.893   -3.396  1.00 55.01  ? 5   DT  A C2    1 
ATOM   99  O O2    . DT  A 1 5  ? -0.028  8.448   -2.284  1.00 71.60  ? 5   DT  A O2    1 
ATOM   100 N N3    . DT  A 1 5  ? 0.587   8.652   -4.458  1.00 51.14  ? 5   DT  A N3    1 
ATOM   101 C C4    . DT  A 1 5  ? 0.448   9.116   -5.748  1.00 48.85  ? 5   DT  A C4    1 
ATOM   102 O O4    . DT  A 1 5  ? 1.285   8.814   -6.597  1.00 56.64  ? 5   DT  A O4    1 
ATOM   103 C C5    . DT  A 1 5  ? -0.715  9.936   -5.987  1.00 51.05  ? 5   DT  A C5    1 
ATOM   104 C C7    . DT  A 1 5  ? -0.959  10.469  -7.362  1.00 54.03  ? 5   DT  A C7    1 
ATOM   105 C C6    . DT  A 1 5  ? -1.543  10.164  -4.960  1.00 55.77  ? 5   DT  A C6    1 
ATOM   106 P P     . DT  A 1 6  ? -1.822  13.510  0.361   1.00 82.87  ? 6   DT  A P     1 
ATOM   107 O OP1   . DT  A 1 6  ? -2.431  14.023  1.619   1.00 78.16  ? 6   DT  A OP1   1 
ATOM   108 O OP2   . DT  A 1 6  ? -1.117  14.449  -0.553  1.00 78.24  ? 6   DT  A OP2   1 
ATOM   109 O "O5'" . DT  A 1 6  ? -0.853  12.364  0.866   1.00 62.30  ? 6   DT  A "O5'" 1 
ATOM   110 C "C5'" . DT  A 1 6  ? -0.198  12.534  2.125   1.00 47.92  ? 6   DT  A "C5'" 1 
ATOM   111 C "C4'" . DT  A 1 6  ? 0.849   11.460  2.227   1.00 52.26  ? 6   DT  A "C4'" 1 
ATOM   112 O "O4'" . DT  A 1 6  ? 1.012   10.914  0.897   1.00 59.23  ? 6   DT  A "O4'" 1 
ATOM   113 C "C3'" . DT  A 1 6  ? 2.227   11.936  2.667   1.00 56.34  ? 6   DT  A "C3'" 1 
ATOM   114 O "O3'" . DT  A 1 6  ? 2.808   11.025  3.610   1.00 57.18  ? 6   DT  A "O3'" 1 
ATOM   115 C "C2'" . DT  A 1 6  ? 3.021   11.961  1.371   1.00 64.22  ? 6   DT  A "C2'" 1 
ATOM   116 C "C1'" . DT  A 1 6  ? 2.384   10.838  0.575   1.00 58.47  ? 6   DT  A "C1'" 1 
ATOM   117 N N1    . DT  A 1 6  ? 2.510   10.953  -0.898  1.00 59.95  ? 6   DT  A N1    1 
ATOM   118 C C2    . DT  A 1 6  ? 3.109   9.927   -1.593  1.00 55.35  ? 6   DT  A C2    1 
ATOM   119 O O2    . DT  A 1 6  ? 3.507   8.902   -1.059  1.00 37.92  ? 6   DT  A O2    1 
ATOM   120 N N3    . DT  A 1 6  ? 3.191   10.126  -2.951  1.00 59.41  ? 6   DT  A N3    1 
ATOM   121 C C4    . DT  A 1 6  ? 2.736   11.221  -3.666  1.00 50.52  ? 6   DT  A C4    1 
ATOM   122 O O4    . DT  A 1 6  ? 2.833   11.235  -4.891  1.00 47.22  ? 6   DT  A O4    1 
ATOM   123 C C5    . DT  A 1 6  ? 2.112   12.254  -2.873  1.00 59.11  ? 6   DT  A C5    1 
ATOM   124 C C7    . DT  A 1 6  ? 1.562   13.463  -3.561  1.00 54.62  ? 6   DT  A C7    1 
ATOM   125 C C6    . DT  A 1 6  ? 2.034   12.073  -1.547  1.00 65.19  ? 6   DT  A C6    1 
ATOM   126 P P     . DT  A 1 7  ? 2.321   11.000  5.137   1.00 61.67  ? 7   DT  A P     1 
ATOM   127 O OP1   . DT  A 1 7  ? 1.106   11.833  5.239   1.00 75.30  ? 7   DT  A OP1   1 
ATOM   128 O OP2   . DT  A 1 7  ? 3.482   11.277  6.013   1.00 55.08  ? 7   DT  A OP2   1 
ATOM   129 O "O5'" . DT  A 1 7  ? 1.967   9.456   5.358   1.00 68.45  ? 7   DT  A "O5'" 1 
ATOM   130 C "C5'" . DT  A 1 7  ? 2.915   8.524   5.954   1.00 57.64  ? 7   DT  A "C5'" 1 
ATOM   131 C "C4'" . DT  A 1 7  ? 2.914   7.190   5.239   1.00 47.50  ? 7   DT  A "C4'" 1 
ATOM   132 O "O4'" . DT  A 1 7  ? 1.677   7.032   4.503   1.00 41.22  ? 7   DT  A "O4'" 1 
ATOM   133 C "C3'" . DT  A 1 7  ? 4.026   6.977   4.216   1.00 46.17  ? 7   DT  A "C3'" 1 
ATOM   134 O "O3'" . DT  A 1 7  ? 4.402   5.611   4.192   1.00 44.10  ? 7   DT  A "O3'" 1 
ATOM   135 C "C2'" . DT  A 1 7  ? 3.322   7.207   2.893   1.00 45.10  ? 7   DT  A "C2'" 1 
ATOM   136 C "C1'" . DT  A 1 7  ? 1.950   6.658   3.171   1.00 32.77  ? 7   DT  A "C1'" 1 
ATOM   137 N N1    . DT  A 1 7  ? 0.867   7.178   2.335   1.00 28.76  ? 7   DT  A N1    1 
ATOM   138 C C2    . DT  A 1 7  ? 0.714   6.663   1.074   1.00 36.80  ? 7   DT  A C2    1 
ATOM   139 O O2    . DT  A 1 7  ? 1.460   5.821   0.600   1.00 54.50  ? 7   DT  A O2    1 
ATOM   140 N N3    . DT  A 1 7  ? -0.346  7.178   0.374   1.00 33.22  ? 7   DT  A N3    1 
ATOM   141 C C4    . DT  A 1 7  ? -1.249  8.124   0.803   1.00 35.91  ? 7   DT  A C4    1 
ATOM   142 O O4    . DT  A 1 7  ? -2.157  8.474   0.066   1.00 46.96  ? 7   DT  A O4    1 
ATOM   143 C C5    . DT  A 1 7  ? -1.040  8.610   2.134   1.00 30.49  ? 7   DT  A C5    1 
ATOM   144 C C7    . DT  A 1 7  ? -1.975  9.641   2.682   1.00 38.50  ? 7   DT  A C7    1 
ATOM   145 C C6    . DT  A 1 7  ? -0.013  8.112   2.833   1.00 28.05  ? 7   DT  A C6    1 
ATOM   146 P P     . DT  A 1 8  ? 5.924   5.173   4.094   1.00 56.47  ? 8   DT  A P     1 
ATOM   147 O OP1   . DT  A 1 8  ? 6.113   3.961   4.938   1.00 65.87  ? 8   DT  A OP1   1 
ATOM   148 O OP2   . DT  A 1 8  ? 6.754   6.359   4.368   1.00 67.40  ? 8   DT  A OP2   1 
ATOM   149 O "O5'" . DT  A 1 8  ? 6.066   4.593   2.614   1.00 50.90  ? 8   DT  A "O5'" 1 
ATOM   150 C "C5'" . DT  A 1 8  ? 6.214   5.478   1.502   1.00 49.71  ? 8   DT  A "C5'" 1 
ATOM   151 C "C4'" . DT  A 1 8  ? 6.710   4.781   0.254   1.00 46.87  ? 8   DT  A "C4'" 1 
ATOM   152 O "O4'" . DT  A 1 8  ? 6.515   5.714   -0.828  1.00 53.56  ? 8   DT  A "O4'" 1 
ATOM   153 C "C3'" . DT  A 1 8  ? 8.208   4.511   0.206   1.00 48.61  ? 8   DT  A "C3'" 1 
ATOM   154 O "O3'" . DT  A 1 8  ? 8.564   3.673   -0.903  1.00 47.42  ? 8   DT  A "O3'" 1 
ATOM   155 C "C2'" . DT  A 1 8  ? 8.757   5.902   -0.051  1.00 51.35  ? 8   DT  A "C2'" 1 
ATOM   156 C "C1'" . DT  A 1 8  ? 7.685   6.545   -0.940  1.00 49.76  ? 8   DT  A "C1'" 1 
ATOM   157 N N1    . DT  A 1 8  ? 7.285   7.947   -0.631  1.00 46.81  ? 8   DT  A N1    1 
ATOM   158 C C2    . DT  A 1 8  ? 6.726   8.680   -1.652  1.00 46.66  ? 8   DT  A C2    1 
ATOM   159 O O2    . DT  A 1 8  ? 6.585   8.248   -2.782  1.00 50.34  ? 8   DT  A O2    1 
ATOM   160 N N3    . DT  A 1 8  ? 6.331   9.947   -1.299  1.00 45.22  ? 8   DT  A N3    1 
ATOM   161 C C4    . DT  A 1 8  ? 6.427   10.533  -0.054  1.00 45.28  ? 8   DT  A C4    1 
ATOM   162 O O4    . DT  A 1 8  ? 6.008   11.670  0.120   1.00 46.32  ? 8   DT  A O4    1 
ATOM   163 C C5    . DT  A 1 8  ? 7.044   9.722   0.961   1.00 42.57  ? 8   DT  A C5    1 
ATOM   164 C C7    . DT  A 1 8  ? 7.198   10.284  2.337   1.00 47.68  ? 8   DT  A C7    1 
ATOM   165 C C6    . DT  A 1 8  ? 7.427   8.480   0.633   1.00 46.13  ? 8   DT  A C6    1 
ATOM   166 P P     . DG  A 1 9  ? 10.049  3.112   -1.043  1.00 58.37  ? 9   DG  A P     1 
ATOM   167 O OP1   . DG  A 1 9  ? 10.972  4.075   -0.412  1.00 68.08  ? 9   DG  A OP1   1 
ATOM   168 O OP2   . DG  A 1 9  ? 10.253  2.644   -2.430  1.00 62.79  ? 9   DG  A OP2   1 
ATOM   169 O "O5'" . DG  A 1 9  ? 10.086  1.858   -0.075  1.00 58.07  ? 9   DG  A "O5'" 1 
ATOM   170 C "C5'" . DG  A 1 9  ? 9.038   0.879   -0.158  1.00 57.68  ? 9   DG  A "C5'" 1 
ATOM   171 C "C4'" . DG  A 1 9  ? 8.528   0.527   1.221   1.00 50.66  ? 9   DG  A "C4'" 1 
ATOM   172 O "O4'" . DG  A 1 9  ? 7.339   1.316   1.493   1.00 45.65  ? 9   DG  A "O4'" 1 
ATOM   173 C "C3'" . DG  A 1 9  ? 8.108   -0.942  1.332   1.00 49.03  ? 9   DG  A "C3'" 1 
ATOM   174 O "O3'" . DG  A 1 9  ? 8.532   -1.573  2.551   1.00 68.73  ? 9   DG  A "O3'" 1 
ATOM   175 C "C2'" . DG  A 1 9  ? 6.605   -0.865  1.181   1.00 43.47  ? 9   DG  A "C2'" 1 
ATOM   176 C "C1'" . DG  A 1 9  ? 6.306   0.432   1.878   1.00 43.17  ? 9   DG  A "C1'" 1 
ATOM   177 N N9    . DG  A 1 9  ? 5.031   1.005   1.489   1.00 41.70  ? 9   DG  A N9    1 
ATOM   178 C C8    . DG  A 1 9  ? 3.954   1.218   2.312   1.00 47.07  ? 9   DG  A C8    1 
ATOM   179 N N7    . DG  A 1 9  ? 2.918   1.702   1.685   1.00 46.82  ? 9   DG  A N7    1 
ATOM   180 C C5    . DG  A 1 9  ? 3.327   1.792   0.366   1.00 43.52  ? 9   DG  A C5    1 
ATOM   181 C C6    . DG  A 1 9  ? 2.633   2.248   -0.774  1.00 51.48  ? 9   DG  A C6    1 
ATOM   182 O O6    . DG  A 1 9  ? 1.473   2.681   -0.847  1.00 59.40  ? 9   DG  A O6    1 
ATOM   183 N N1    . DG  A 1 9  ? 3.420   2.168   -1.918  1.00 52.56  ? 9   DG  A N1    1 
ATOM   184 C C2    . DG  A 1 9  ? 4.714   1.710   -1.958  1.00 48.75  ? 9   DG  A C2    1 
ATOM   185 N N2    . DG  A 1 9  ? 5.314   1.722   -3.164  1.00 47.75  ? 9   DG  A N2    1 
ATOM   186 N N3    . DG  A 1 9  ? 5.378   1.289   -0.895  1.00 47.44  ? 9   DG  A N3    1 
ATOM   187 C C4    . DG  A 1 9  ? 4.623   1.344   0.224   1.00 48.30  ? 9   DG  A C4    1 
ATOM   188 P P     . DG  A 1 10 ? 8.034   -3.089  2.963   1.00 67.38  ? 10  DG  A P     1 
ATOM   189 O OP1   . DG  A 1 10 ? 8.737   -3.478  4.212   1.00 67.72  ? 10  DG  A OP1   1 
ATOM   190 O OP2   . DG  A 1 10 ? 8.126   -3.972  1.771   1.00 61.19  ? 10  DG  A OP2   1 
ATOM   191 O "O5'" . DG  A 1 10 ? 6.532   -2.854  3.440   1.00 59.04  ? 10  DG  A "O5'" 1 
ATOM   192 C "C5'" . DG  A 1 10 ? 6.282   -2.187  4.688   1.00 57.36  ? 10  DG  A "C5'" 1 
ATOM   193 C "C4'" . DG  A 1 10 ? 4.827   -2.291  5.077   1.00 57.31  ? 10  DG  A "C4'" 1 
ATOM   194 O "O4'" . DG  A 1 10 ? 4.053   -1.511  4.161   1.00 52.92  ? 10  DG  A "O4'" 1 
ATOM   195 C "C3'" . DG  A 1 10 ? 4.224   -3.697  5.039   1.00 58.82  ? 10  DG  A "C3'" 1 
ATOM   196 O "O3'" . DG  A 1 10 ? 3.254   -3.766  6.094   1.00 65.34  ? 10  DG  A "O3'" 1 
ATOM   197 C "C2'" . DG  A 1 10 ? 3.525   -3.709  3.707   1.00 55.21  ? 10  DG  A "C2'" 1 
ATOM   198 C "C1'" . DG  A 1 10 ? 2.995   -2.298  3.763   1.00 48.63  ? 10  DG  A "C1'" 1 
ATOM   199 N N9    . DG  A 1 10 ? 2.653   -1.831  2.463   1.00 43.86  ? 10  DG  A N9    1 
ATOM   200 C C8    . DG  A 1 10 ? 3.298   -2.194  1.315   1.00 49.54  ? 10  DG  A C8    1 
ATOM   201 N N7    . DG  A 1 10 ? 2.732   -1.718  0.246   1.00 59.94  ? 10  DG  A N7    1 
ATOM   202 C C5    . DG  A 1 10 ? 1.630   -1.027  0.725   1.00 54.48  ? 10  DG  A C5    1 
ATOM   203 C C6    . DG  A 1 10 ? 0.634   -0.301  0.034   1.00 60.24  ? 10  DG  A C6    1 
ATOM   204 O O6    . DG  A 1 10 ? 0.522   -0.112  -1.181  1.00 70.82  ? 10  DG  A O6    1 
ATOM   205 N N1    . DG  A 1 10 ? -0.299  0.244   0.905   1.00 50.48  ? 10  DG  A N1    1 
ATOM   206 C C2    . DG  A 1 10 ? -0.274  0.113   2.269   1.00 48.13  ? 10  DG  A C2    1 
ATOM   207 N N2    . DG  A 1 10 ? -1.264  0.715   2.937   1.00 51.38  ? 10  DG  A N2    1 
ATOM   208 N N3    . DG  A 1 10 ? 0.658   -0.550  2.928   1.00 43.49  ? 10  DG  A N3    1 
ATOM   209 C C4    . DG  A 1 10 ? 1.566   -1.099  2.094   1.00 43.20  ? 10  DG  A C4    1 
ATOM   210 P P     . DG  A 1 11 ? 2.378   -5.081  6.355   1.00 53.37  ? 11  DG  A P     1 
ATOM   211 O OP1   . DG  A 1 11 ? 3.129   -5.927  7.307   1.00 60.02  ? 11  DG  A OP1   1 
ATOM   212 O OP2   . DG  A 1 11 ? 1.951   -5.648  5.054   1.00 58.96  ? 11  DG  A OP2   1 
ATOM   213 O "O5'" . DG  A 1 11 ? 1.153   -4.455  7.136   1.00 43.98  ? 11  DG  A "O5'" 1 
ATOM   214 C "C5'" . DG  A 1 11 ? 0.553   -3.239  6.708   1.00 44.91  ? 11  DG  A "C5'" 1 
ATOM   215 C "C4'" . DG  A 1 11 ? -0.934  -3.250  6.990   1.00 50.15  ? 11  DG  A "C4'" 1 
ATOM   216 O "O4'" . DG  A 1 11 ? -1.603  -2.515  5.946   1.00 47.51  ? 11  DG  A "O4'" 1 
ATOM   217 C "C3'" . DG  A 1 11 ? -1.614  -4.626  7.045   1.00 48.16  ? 11  DG  A "C3'" 1 
ATOM   218 O "O3'" . DG  A 1 11 ? -2.340  -4.785  8.279   1.00 54.84  ? 11  DG  A "O3'" 1 
ATOM   219 C "C2'" . DG  A 1 11 ? -2.580  -4.612  5.876   1.00 40.94  ? 11  DG  A "C2'" 1 
ATOM   220 C "C1'" . DG  A 1 11 ? -2.831  -3.133  5.654   1.00 41.79  ? 11  DG  A "C1'" 1 
ATOM   221 N N9    . DG  A 1 11 ? -3.160  -2.783  4.282   1.00 34.55  ? 11  DG  A N9    1 
ATOM   222 C C8    . DG  A 1 11 ? -4.170  -1.976  3.823   1.00 35.47  ? 11  DG  A C8    1 
ATOM   223 N N7    . DG  A 1 11 ? -4.162  -1.840  2.524   1.00 41.34  ? 11  DG  A N7    1 
ATOM   224 C C5    . DG  A 1 11 ? -3.041  -2.549  2.116   1.00 35.81  ? 11  DG  A C5    1 
ATOM   225 C C6    . DG  A 1 11 ? -2.505  -2.750  0.830   1.00 35.04  ? 11  DG  A C6    1 
ATOM   226 O O6    . DG  A 1 11 ? -2.943  -2.346  -0.254  1.00 42.74  ? 11  DG  A O6    1 
ATOM   227 N N1    . DG  A 1 11 ? -1.374  -3.555  0.863   1.00 31.98  ? 11  DG  A N1    1 
ATOM   228 C C2    . DG  A 1 11 ? -0.812  -4.072  1.997   1.00 30.89  ? 11  DG  A C2    1 
ATOM   229 N N2    . DG  A 1 11 ? 0.287   -4.813  1.836   1.00 35.16  ? 11  DG  A N2    1 
ATOM   230 N N3    . DG  A 1 11 ? -1.302  -3.891  3.208   1.00 40.30  ? 11  DG  A N3    1 
ATOM   231 C C4    . DG  A 1 11 ? -2.412  -3.127  3.191   1.00 34.52  ? 11  DG  A C4    1 
ATOM   232 P P     . DG  A 1 12 ? -3.117  -6.162  8.588   1.00 46.69  ? 12  DG  A P     1 
ATOM   233 O OP1   . DG  A 1 12 ? -2.880  -6.442  10.005  1.00 50.62  ? 12  DG  A OP1   1 
ATOM   234 O OP2   . DG  A 1 12 ? -2.705  -7.154  7.577   1.00 42.66  ? 12  DG  A OP2   1 
ATOM   235 O "O5'" . DG  A 1 12 ? -4.636  -5.816  8.260   1.00 42.40  ? 12  DG  A "O5'" 1 
ATOM   236 C "C5'" . DG  A 1 12 ? -5.217  -4.550  8.604   1.00 52.03  ? 12  DG  A "C5'" 1 
ATOM   237 C "C4'" . DG  A 1 12 ? -6.547  -4.372  7.911   1.00 45.10  ? 12  DG  A "C4'" 1 
ATOM   238 O "O4'" . DG  A 1 12 ? -6.270  -4.073  6.527   1.00 47.23  ? 12  DG  A "O4'" 1 
ATOM   239 C "C3'" . DG  A 1 12 ? -7.446  -5.612  7.876   1.00 48.82  ? 12  DG  A "C3'" 1 
ATOM   240 O "O3'" . DG  A 1 12 ? -8.834  -5.253  7.685   1.00 43.99  ? 12  DG  A "O3'" 1 
ATOM   241 C "C2'" . DG  A 1 12 ? -6.984  -6.289  6.606   1.00 46.49  ? 12  DG  A "C2'" 1 
ATOM   242 C "C1'" . DG  A 1 12 ? -6.922  -5.046  5.743   1.00 46.04  ? 12  DG  A "C1'" 1 
ATOM   243 N N9    . DG  A 1 12 ? -6.215  -5.175  4.481   1.00 38.35  ? 12  DG  A N9    1 
ATOM   244 C C8    . DG  A 1 12 ? -5.034  -5.827  4.235   1.00 35.27  ? 12  DG  A C8    1 
ATOM   245 N N7    . DG  A 1 12 ? -4.713  -5.839  2.970   1.00 38.10  ? 12  DG  A N7    1 
ATOM   246 C C5    . DG  A 1 12 ? -5.761  -5.175  2.347   1.00 35.48  ? 12  DG  A C5    1 
ATOM   247 C C6    . DG  A 1 12 ? -5.975  -4.879  0.986   1.00 35.41  ? 12  DG  A C6    1 
ATOM   248 O O6    . DG  A 1 12 ? -5.250  -5.135  0.022   1.00 54.47  ? 12  DG  A O6    1 
ATOM   249 N N1    . DG  A 1 12 ? -7.165  -4.190  0.789   1.00 35.46  ? 12  DG  A N1    1 
ATOM   250 C C2    . DG  A 1 12 ? -8.035  -3.827  1.782   1.00 31.85  ? 12  DG  A C2    1 
ATOM   251 N N2    . DG  A 1 12 ? -9.133  -3.168  1.397   1.00 35.78  ? 12  DG  A N2    1 
ATOM   252 N N3    . DG  A 1 12 ? -7.840  -4.082  3.059   1.00 37.11  ? 12  DG  A N3    1 
ATOM   253 C C4    . DG  A 1 12 ? -6.691  -4.757  3.267   1.00 40.03  ? 12  DG  A C4    1 
ATOM   254 O "O5'" . DG  B 1 1  ? 0.450   4.377   6.061   1.00 56.79  ? 1   DG  B "O5'" 1 
ATOM   255 C "C5'" . DG  B 1 1  ? 0.023   5.407   7.012   1.00 57.78  ? 1   DG  B "C5'" 1 
ATOM   256 C "C4'" . DG  B 1 1  ? -1.450  5.708   6.829   1.00 57.43  ? 1   DG  B "C4'" 1 
ATOM   257 O "O4'" . DG  B 1 1  ? -1.824  6.221   5.525   1.00 58.34  ? 1   DG  B "O4'" 1 
ATOM   258 C "C3'" . DG  B 1 1  ? -2.399  4.540   7.155   1.00 64.98  ? 1   DG  B "C3'" 1 
ATOM   259 O "O3'" . DG  B 1 1  ? -3.505  4.899   8.005   1.00 70.23  ? 1   DG  B "O3'" 1 
ATOM   260 C "C2'" . DG  B 1 1  ? -2.934  4.136   5.794   1.00 61.02  ? 1   DG  B "C2'" 1 
ATOM   261 C "C1'" . DG  B 1 1  ? -2.889  5.448   4.997   1.00 54.90  ? 1   DG  B "C1'" 1 
ATOM   262 N N9    . DG  B 1 1  ? -2.661  5.260   3.569   1.00 36.26  ? 1   DG  B N9    1 
ATOM   263 C C8    . DG  B 1 1  ? -3.495  5.657   2.554   1.00 32.79  ? 1   DG  B C8    1 
ATOM   264 N N7    . DG  B 1 1  ? -3.093  5.261   1.377   1.00 34.15  ? 1   DG  B N7    1 
ATOM   265 C C5    . DG  B 1 1  ? -1.922  4.563   1.633   1.00 36.57  ? 1   DG  B C5    1 
ATOM   266 C C6    . DG  B 1 1  ? -1.044  3.899   0.751   1.00 39.30  ? 1   DG  B C6    1 
ATOM   267 O O6    . DG  B 1 1  ? -1.118  3.797   -0.483  1.00 37.72  ? 1   DG  B O6    1 
ATOM   268 N N1    . DG  B 1 1  ? 0.010   3.304   1.429   1.00 37.91  ? 1   DG  B N1    1 
ATOM   269 C C2    . DG  B 1 1  ? 0.195   3.345   2.784   1.00 42.85  ? 1   DG  B C2    1 
ATOM   270 N N2    . DG  B 1 1  ? 1.274   2.712   3.253   1.00 38.02  ? 1   DG  B N2    1 
ATOM   271 N N3    . DG  B 1 1  ? -0.626  3.948   3.623   1.00 34.13  ? 1   DG  B N3    1 
ATOM   272 C C4    . DG  B 1 1  ? -1.659  4.527   2.982   1.00 35.21  ? 1   DG  B C4    1 
ATOM   273 P P     . DG  B 1 2  ? -4.591  3.797   8.459   1.00 64.59  ? 2   DG  B P     1 
ATOM   274 O OP1   . DG  B 1 2  ? -5.239  4.297   9.682   1.00 72.42  ? 2   DG  B OP1   1 
ATOM   275 O OP2   . DG  B 1 2  ? -3.944  2.477   8.470   1.00 79.50  ? 2   DG  B OP2   1 
ATOM   276 O "O5'" . DG  B 1 2  ? -5.677  3.843   7.296   1.00 60.94  ? 2   DG  B "O5'" 1 
ATOM   277 C "C5'" . DG  B 1 2  ? -6.130  5.098   6.774   1.00 49.45  ? 2   DG  B "C5'" 1 
ATOM   278 C "C4'" . DG  B 1 2  ? -6.917  4.857   5.508   1.00 48.11  ? 2   DG  B "C4'" 1 
ATOM   279 O "O4'" . DG  B 1 2  ? -5.983  4.503   4.450   1.00 51.40  ? 2   DG  B "O4'" 1 
ATOM   280 C "C3'" . DG  B 1 2  ? -7.902  3.692   5.592   1.00 58.33  ? 2   DG  B "C3'" 1 
ATOM   281 O "O3'" . DG  B 1 2  ? -9.068  4.088   4.862   1.00 67.52  ? 2   DG  B "O3'" 1 
ATOM   282 C "C2'" . DG  B 1 2  ? -7.138  2.550   4.931   1.00 54.07  ? 2   DG  B "C2'" 1 
ATOM   283 C "C1'" . DG  B 1 2  ? -6.388  3.296   3.832   1.00 47.16  ? 2   DG  B "C1'" 1 
ATOM   284 N N9    . DG  B 1 2  ? -5.223  2.673   3.155   1.00 40.48  ? 2   DG  B N9    1 
ATOM   285 C C8    . DG  B 1 2  ? -4.143  1.990   3.669   1.00 36.75  ? 2   DG  B C8    1 
ATOM   286 N N7    . DG  B 1 2  ? -3.342  1.528   2.743   1.00 34.42  ? 2   DG  B N7    1 
ATOM   287 C C5    . DG  B 1 2  ? -3.923  1.940   1.551   1.00 36.85  ? 2   DG  B C5    1 
ATOM   288 C C6    . DG  B 1 2  ? -3.505  1.757   0.209   1.00 52.20  ? 2   DG  B C6    1 
ATOM   289 O O6    . DG  B 1 2  ? -2.497  1.171   -0.217  1.00 73.76  ? 2   DG  B O6    1 
ATOM   290 N N1    . DG  B 1 2  ? -4.399  2.332   -0.686  1.00 47.19  ? 2   DG  B N1    1 
ATOM   291 C C2    . DG  B 1 2  ? -5.528  3.017   -0.339  1.00 33.70  ? 2   DG  B C2    1 
ATOM   292 N N2    . DG  B 1 2  ? -6.268  3.497   -1.349  1.00 38.11  ? 2   DG  B N2    1 
ATOM   293 N N3    . DG  B 1 2  ? -5.916  3.214   0.903   1.00 37.09  ? 2   DG  B N3    1 
ATOM   294 C C4    . DG  B 1 2  ? -5.082  2.641   1.790   1.00 33.31  ? 2   DG  B C4    1 
ATOM   295 P P     . DG  B 1 3  ? -10.434 3.287   5.008   1.00 61.92  ? 3   DG  B P     1 
ATOM   296 O OP1   . DG  B 1 3  ? -11.225 3.941   6.094   1.00 60.91  ? 3   DG  B OP1   1 
ATOM   297 O OP2   . DG  B 1 3  ? -10.120 1.840   5.015   1.00 53.00  ? 3   DG  B OP2   1 
ATOM   298 O "O5'" . DG  B 1 3  ? -11.101 3.468   3.578   1.00 60.70  ? 3   DG  B "O5'" 1 
ATOM   299 C "C5'" . DG  B 1 3  ? -10.353 3.092   2.412   1.00 59.06  ? 3   DG  B "C5'" 1 
ATOM   300 C "C4'" . DG  B 1 3  ? -11.290 2.982   1.237   1.00 60.92  ? 3   DG  B "C4'" 1 
ATOM   301 O "O4'" . DG  B 1 3  ? -10.518 2.890   0.019   1.00 50.99  ? 3   DG  B "O4'" 1 
ATOM   302 C "C3'" . DG  B 1 3  ? -12.154 1.729   1.253   1.00 66.79  ? 3   DG  B "C3'" 1 
ATOM   303 O "O3'" . DG  B 1 3  ? -13.315 1.974   0.460   1.00 73.87  ? 3   DG  B "O3'" 1 
ATOM   304 C "C2'" . DG  B 1 3  ? -11.275 0.732   0.532   1.00 64.41  ? 3   DG  B "C2'" 1 
ATOM   305 C "C1'" . DG  B 1 3  ? -10.718 1.616   -0.572  1.00 55.09  ? 3   DG  B "C1'" 1 
ATOM   306 N N9    . DG  B 1 3  ? -9.469  1.201   -1.216  1.00 50.16  ? 3   DG  B N9    1 
ATOM   307 C C8    . DG  B 1 3  ? -9.185  1.340   -2.553  1.00 47.89  ? 3   DG  B C8    1 
ATOM   308 N N7    . DG  B 1 3  ? -8.016  0.861   -2.883  1.00 50.80  ? 3   DG  B N7    1 
ATOM   309 C C5    . DG  B 1 3  ? -7.501  0.360   -1.696  1.00 48.64  ? 3   DG  B C5    1 
ATOM   310 C C6    . DG  B 1 3  ? -6.266  -0.283  -1.433  1.00 51.11  ? 3   DG  B C6    1 
ATOM   311 O O6    . DG  B 1 3  ? -5.345  -0.548  -2.219  1.00 69.61  ? 3   DG  B O6    1 
ATOM   312 N N1    . DG  B 1 3  ? -6.148  -0.632  -0.094  1.00 48.88  ? 3   DG  B N1    1 
ATOM   313 C C2    . DG  B 1 3  ? -7.087  -0.385  0.871   1.00 43.32  ? 3   DG  B C2    1 
ATOM   314 N N2    . DG  B 1 3  ? -6.769  -0.792  2.106   1.00 43.49  ? 3   DG  B N2    1 
ATOM   315 N N3    . DG  B 1 3  ? -8.239  0.225   0.645   1.00 54.99  ? 3   DG  B N3    1 
ATOM   316 C C4    . DG  B 1 3  ? -8.382  0.563   -0.655  1.00 50.13  ? 3   DG  B C4    1 
ATOM   317 P P     . DG  B 1 4  ? -14.503 0.942   0.469   1.00 80.91  ? 4   DG  B P     1 
ATOM   318 O OP1   . DG  B 1 4  ? -15.741 1.706   0.728   1.00 66.78  ? 4   DG  B OP1   1 
ATOM   319 O OP2   . DG  B 1 4  ? -14.129 -0.189  1.358   1.00 84.80  ? 4   DG  B OP2   1 
ATOM   320 O "O5'" . DG  B 1 4  ? -14.470 0.345   -1.004  1.00 74.09  ? 4   DG  B "O5'" 1 
ATOM   321 C "C5'" . DG  B 1 4  ? -14.319 1.184   -2.152  1.00 67.45  ? 4   DG  B "C5'" 1 
ATOM   322 C "C4'" . DG  B 1 4  ? -13.702 0.394   -3.283  1.00 63.94  ? 4   DG  B "C4'" 1 
ATOM   323 O "O4'" . DG  B 1 4  ? -12.331 0.073   -2.960  1.00 70.03  ? 4   DG  B "O4'" 1 
ATOM   324 C "C3'" . DG  B 1 4  ? -14.371 -0.944  -3.622  1.00 66.18  ? 4   DG  B "C3'" 1 
ATOM   325 O "O3'" . DG  B 1 4  ? -14.668 -1.038  -5.015  1.00 62.83  ? 4   DG  B "O3'" 1 
ATOM   326 C "C2'" . DG  B 1 4  ? -13.293 -1.974  -3.342  1.00 64.25  ? 4   DG  B "C2'" 1 
ATOM   327 C "C1'" . DG  B 1 4  ? -12.038 -1.170  -3.562  1.00 73.44  ? 4   DG  B "C1'" 1 
ATOM   328 N N9    . DG  B 1 4  ? -10.846 -1.720  -2.921  1.00 66.12  ? 4   DG  B N9    1 
ATOM   329 C C8    . DG  B 1 4  ? -10.705 -2.007  -1.586  1.00 68.79  ? 4   DG  B C8    1 
ATOM   330 N N7    . DG  B 1 4  ? -9.539  -2.519  -1.293  1.00 64.03  ? 4   DG  B N7    1 
ATOM   331 C C5    . DG  B 1 4  ? -8.871  -2.575  -2.509  1.00 57.23  ? 4   DG  B C5    1 
ATOM   332 C C6    . DG  B 1 4  ? -7.563  -3.046  -2.824  1.00 54.39  ? 4   DG  B C6    1 
ATOM   333 O O6    . DG  B 1 4  ? -6.703  -3.509  -2.066  1.00 66.79  ? 4   DG  B O6    1 
ATOM   334 N N1    . DG  B 1 4  ? -7.301  -2.954  -4.183  1.00 43.99  ? 4   DG  B N1    1 
ATOM   335 C C2    . DG  B 1 4  ? -8.166  -2.445  -5.119  1.00 44.24  ? 4   DG  B C2    1 
ATOM   336 N N2    . DG  B 1 4  ? -7.722  -2.429  -6.380  1.00 46.83  ? 4   DG  B N2    1 
ATOM   337 N N3    . DG  B 1 4  ? -9.377  -1.993  -4.841  1.00 49.77  ? 4   DG  B N3    1 
ATOM   338 C C4    . DG  B 1 4  ? -9.663  -2.089  -3.524  1.00 56.96  ? 4   DG  B C4    1 
ATOM   339 P P     . DT  B 1 5  ? -15.547 -2.256  -5.602  1.00 68.68  ? 5   DT  B P     1 
ATOM   340 O OP1   . DT  B 1 5  ? -16.569 -1.663  -6.507  1.00 63.66  ? 5   DT  B OP1   1 
ATOM   341 O OP2   . DT  B 1 5  ? -16.017 -3.093  -4.470  1.00 72.97  ? 5   DT  B OP2   1 
ATOM   342 O "O5'" . DT  B 1 5  ? -14.482 -3.118  -6.426  1.00 58.55  ? 5   DT  B "O5'" 1 
ATOM   343 C "C5'" . DT  B 1 5  ? -14.200 -4.516  -6.158  1.00 47.01  ? 5   DT  B "C5'" 1 
ATOM   344 C "C4'" . DT  B 1 5  ? -12.724 -4.795  -6.340  1.00 40.05  ? 5   DT  B "C4'" 1 
ATOM   345 O "O4'" . DT  B 1 5  ? -12.054 -4.379  -5.143  1.00 36.95  ? 5   DT  B "O4'" 1 
ATOM   346 C "C3'" . DT  B 1 5  ? -12.299 -6.249  -6.517  1.00 41.46  ? 5   DT  B "C3'" 1 
ATOM   347 O "O3'" . DT  B 1 5  ? -12.371 -6.725  -7.865  1.00 41.24  ? 5   DT  B "O3'" 1 
ATOM   348 C "C2'" . DT  B 1 5  ? -10.867 -6.239  -6.011  1.00 37.06  ? 5   DT  B "C2'" 1 
ATOM   349 C "C1'" . DT  B 1 5  ? -10.839 -5.101  -5.002  1.00 36.97  ? 5   DT  B "C1'" 1 
ATOM   350 N N1    . DT  B 1 5  ? -10.704 -5.466  -3.586  1.00 45.25  ? 5   DT  B N1    1 
ATOM   351 C C2    . DT  B 1 5  ? -9.500  -5.935  -3.117  1.00 53.13  ? 5   DT  B C2    1 
ATOM   352 O O2    . DT  B 1 5  ? -8.537  -6.125  -3.836  1.00 61.53  ? 5   DT  B O2    1 
ATOM   353 N N3    . DT  B 1 5  ? -9.473  -6.201  -1.770  1.00 51.58  ? 5   DT  B N3    1 
ATOM   354 C C4    . DT  B 1 5  ? -10.512 -6.041  -0.868  1.00 51.85  ? 5   DT  B C4    1 
ATOM   355 O O4    . DT  B 1 5  ? -10.342 -6.311  0.317   1.00 63.62  ? 5   DT  B O4    1 
ATOM   356 C C5    . DT  B 1 5  ? -11.745 -5.556  -1.431  1.00 46.42  ? 5   DT  B C5    1 
ATOM   357 C C7    . DT  B 1 5  ? -12.911 -5.318  -0.527  1.00 47.67  ? 5   DT  B C7    1 
ATOM   358 C C6    . DT  B 1 5  ? -11.773 -5.273  -2.738  1.00 57.67  ? 5   DT  B C6    1 
ATOM   359 P P     . DT  B 1 6  ? -12.136 -8.285  -8.232  1.00 56.01  ? 6   DT  B P     1 
ATOM   360 O OP1   . DT  B 1 6  ? -12.615 -8.528  -9.609  1.00 59.75  ? 6   DT  B OP1   1 
ATOM   361 O OP2   . DT  B 1 6  ? -12.660 -9.116  -7.120  1.00 71.31  ? 6   DT  B OP2   1 
ATOM   362 O "O5'" . DT  B 1 6  ? -10.556 -8.480  -8.272  1.00 45.93  ? 6   DT  B "O5'" 1 
ATOM   363 C "C5'" . DT  B 1 6  ? -9.996  -9.622  -8.961  1.00 48.85  ? 6   DT  B "C5'" 1 
ATOM   364 C "C4'" . DT  B 1 6  ? -8.688  -10.038 -8.328  1.00 54.09  ? 6   DT  B "C4'" 1 
ATOM   365 O "O4'" . DT  B 1 6  ? -8.628  -9.588  -6.954  1.00 63.57  ? 6   DT  B "O4'" 1 
ATOM   366 C "C3'" . DT  B 1 6  ? -8.452  -11.546 -8.269  1.00 63.38  ? 6   DT  B "C3'" 1 
ATOM   367 O "O3'" . DT  B 1 6  ? -7.079  -11.866 -8.472  1.00 71.26  ? 6   DT  B "O3'" 1 
ATOM   368 C "C2'" . DT  B 1 6  ? -8.785  -11.898 -6.826  1.00 62.49  ? 6   DT  B "C2'" 1 
ATOM   369 C "C1'" . DT  B 1 6  ? -8.264  -10.677 -6.109  1.00 54.68  ? 6   DT  B "C1'" 1 
ATOM   370 N N1    . DT  B 1 6  ? -8.805  -10.393 -4.765  1.00 49.03  ? 6   DT  B N1    1 
ATOM   371 C C2    . DT  B 1 6  ? -8.014  -10.591 -3.658  1.00 45.75  ? 6   DT  B C2    1 
ATOM   372 O O2    . DT  B 1 6  ? -6.899  -11.077 -3.713  1.00 57.33  ? 6   DT  B O2    1 
ATOM   373 N N3    . DT  B 1 6  ? -8.595  -10.232 -2.472  1.00 46.33  ? 6   DT  B N3    1 
ATOM   374 C C4    . DT  B 1 6  ? -9.840  -9.667  -2.293  1.00 41.26  ? 6   DT  B C4    1 
ATOM   375 O O4    . DT  B 1 6  ? -10.220 -9.374  -1.168  1.00 50.13  ? 6   DT  B O4    1 
ATOM   376 C C5    . DT  B 1 6  ? -10.606 -9.471  -3.492  1.00 35.81  ? 6   DT  B C5    1 
ATOM   377 C C7    . DT  B 1 6  ? -11.973 -8.877  -3.389  1.00 38.50  ? 6   DT  B C7    1 
ATOM   378 C C6    . DT  B 1 6  ? -10.058 -9.834  -4.655  1.00 44.33  ? 6   DT  B C6    1 
ATOM   379 P P     . DT  B 1 7  ? -6.384  -11.591 -9.856  1.00 75.54  ? 7   DT  B P     1 
ATOM   380 O OP1   . DT  B 1 7  ? -7.315  -10.766 -10.662 1.00 77.88  ? 7   DT  B OP1   1 
ATOM   381 O OP2   . DT  B 1 7  ? -5.942  -12.896 -10.403 1.00 83.63  ? 7   DT  B OP2   1 
ATOM   382 O "O5'" . DT  B 1 7  ? -5.065  -10.814 -9.396  1.00 77.73  ? 7   DT  B "O5'" 1 
ATOM   383 C "C5'" . DT  B 1 7  ? -3.950  -11.552 -8.824  1.00 69.65  ? 7   DT  B "C5'" 1 
ATOM   384 C "C4'" . DT  B 1 7  ? -2.959  -10.682 -8.076  1.00 62.56  ? 7   DT  B "C4'" 1 
ATOM   385 O "O4'" . DT  B 1 7  ? -3.228  -9.273  -8.273  1.00 65.37  ? 7   DT  B "O4'" 1 
ATOM   386 C "C3'" . DT  B 1 7  ? -2.942  -10.875 -6.561  1.00 57.70  ? 7   DT  B "C3'" 1 
ATOM   387 O "O3'" . DT  B 1 7  ? -1.625  -10.688 -6.008  1.00 54.37  ? 7   DT  B "O3'" 1 
ATOM   388 C "C2'" . DT  B 1 7  ? -3.939  -9.828  -6.098  1.00 54.77  ? 7   DT  B "C2'" 1 
ATOM   389 C "C1'" . DT  B 1 7  ? -3.681  -8.678  -7.063  1.00 56.18  ? 7   DT  B "C1'" 1 
ATOM   390 N N1    . DT  B 1 7  ? -4.850  -7.845  -7.397  1.00 55.06  ? 7   DT  B N1    1 
ATOM   391 C C2    . DT  B 1 7  ? -5.701  -7.449  -6.391  1.00 52.99  ? 7   DT  B C2    1 
ATOM   392 O O2    . DT  B 1 7  ? -5.513  -7.711  -5.216  1.00 50.79  ? 7   DT  B O2    1 
ATOM   393 N N3    . DT  B 1 7  ? -6.778  -6.709  -6.813  1.00 58.91  ? 7   DT  B N3    1 
ATOM   394 C C4    . DT  B 1 7  ? -7.088  -6.349  -8.109  1.00 63.89  ? 7   DT  B C4    1 
ATOM   395 O O4    . DT  B 1 7  ? -8.081  -5.665  -8.332  1.00 68.03  ? 7   DT  B O4    1 
ATOM   396 C C5    . DT  B 1 7  ? -6.148  -6.793  -9.112  1.00 60.18  ? 7   DT  B C5    1 
ATOM   397 C C7    . DT  B 1 7  ? -6.400  -6.450  -10.546 1.00 65.68  ? 7   DT  B C7    1 
ATOM   398 C C6    . DT  B 1 7  ? -5.094  -7.516  -8.712  1.00 63.23  ? 7   DT  B C6    1 
ATOM   399 P P     . DT  B 1 8  ? -1.022  -11.733 -4.929  1.00 55.75  ? 8   DT  B P     1 
ATOM   400 O OP1   . DT  B 1 8  ? 0.374   -11.378 -4.599  1.00 56.94  ? 8   DT  B OP1   1 
ATOM   401 O OP2   . DT  B 1 8  ? -1.318  -13.100 -5.414  1.00 54.34  ? 8   DT  B OP2   1 
ATOM   402 O "O5'" . DT  B 1 8  ? -1.847  -11.369 -3.622  1.00 50.91  ? 8   DT  B "O5'" 1 
ATOM   403 C "C5'" . DT  B 1 8  ? -1.376  -10.422 -2.664  1.00 47.65  ? 8   DT  B "C5'" 1 
ATOM   404 C "C4'" . DT  B 1 8  ? -2.046  -10.660 -1.331  1.00 51.58  ? 8   DT  B "C4'" 1 
ATOM   405 O "O4'" . DT  B 1 8  ? -3.472  -10.806 -1.521  1.00 49.76  ? 8   DT  B "O4'" 1 
ATOM   406 C "C3'" . DT  B 1 8  ? -1.600  -11.931 -0.608  1.00 49.94  ? 8   DT  B "C3'" 1 
ATOM   407 O "O3'" . DT  B 1 8  ? -1.747  -11.775 0.805   1.00 41.97  ? 8   DT  B "O3'" 1 
ATOM   408 C "C2'" . DT  B 1 8  ? -2.624  -12.944 -1.071  1.00 51.84  ? 8   DT  B "C2'" 1 
ATOM   409 C "C1'" . DT  B 1 8  ? -3.877  -12.093 -1.071  1.00 54.17  ? 8   DT  B "C1'" 1 
ATOM   410 N N1    . DT  B 1 8  ? -4.960  -12.577 -1.953  1.00 62.76  ? 8   DT  B N1    1 
ATOM   411 C C2    . DT  B 1 8  ? -6.246  -12.638 -1.462  1.00 68.05  ? 8   DT  B C2    1 
ATOM   412 O O2    . DT  B 1 8  ? -6.549  -12.275 -0.338  1.00 69.98  ? 8   DT  B O2    1 
ATOM   413 N N3    . DT  B 1 8  ? -7.176  -13.116 -2.350  1.00 68.60  ? 8   DT  B N3    1 
ATOM   414 C C4    . DT  B 1 8  ? -6.951  -13.543 -3.644  1.00 66.84  ? 8   DT  B C4    1 
ATOM   415 O O4    . DT  B 1 8  ? -7.887  -13.940 -4.326  1.00 68.83  ? 8   DT  B O4    1 
ATOM   416 C C5    . DT  B 1 8  ? -5.578  -13.455 -4.091  1.00 59.91  ? 8   DT  B C5    1 
ATOM   417 C C7    . DT  B 1 8  ? -5.232  -13.905 -5.475  1.00 59.06  ? 8   DT  B C7    1 
ATOM   418 C C6    . DT  B 1 8  ? -4.663  -12.995 -3.231  1.00 58.45  ? 8   DT  B C6    1 
ATOM   419 P P     . DG  B 1 9  ? -0.568  -12.176 1.801   1.00 47.52  ? 9   DG  B P     1 
ATOM   420 O OP1   . DG  B 1 9  ? -0.586  -13.633 1.992   1.00 63.50  ? 9   DG  B OP1   1 
ATOM   421 O OP2   . DG  B 1 9  ? -0.625  -11.272 2.960   1.00 41.45  ? 9   DG  B OP2   1 
ATOM   422 O "O5'" . DG  B 1 9  ? 0.775   -11.976 0.973   1.00 61.33  ? 9   DG  B "O5'" 1 
ATOM   423 C "C5'" . DG  B 1 9  ? 1.992   -11.536 1.633   1.00 60.97  ? 9   DG  B "C5'" 1 
ATOM   424 C "C4'" . DG  B 1 9  ? 2.961   -10.958 0.623   1.00 57.97  ? 9   DG  B "C4'" 1 
ATOM   425 O "O4'" . DG  B 1 9  ? 2.221   -10.548 -0.552  1.00 59.00  ? 9   DG  B "O4'" 1 
ATOM   426 C "C3'" . DG  B 1 9  ? 3.733   -9.720  1.090   1.00 54.95  ? 9   DG  B "C3'" 1 
ATOM   427 O "O3'" . DG  B 1 9  ? 5.115   -9.830  0.745   1.00 59.11  ? 9   DG  B "O3'" 1 
ATOM   428 C "C2'" . DG  B 1 9  ? 3.047   -8.585  0.362   1.00 51.48  ? 9   DG  B "C2'" 1 
ATOM   429 C "C1'" . DG  B 1 9  ? 2.637   -9.254  -0.927  1.00 56.07  ? 9   DG  B "C1'" 1 
ATOM   430 N N9    . DG  B 1 9  ? 1.525   -8.600  -1.591  1.00 51.55  ? 9   DG  B N9    1 
ATOM   431 C C8    . DG  B 1 9  ? 1.338   -8.402  -2.938  1.00 52.44  ? 9   DG  B C8    1 
ATOM   432 N N7    . DG  B 1 9  ? 0.240   -7.751  -3.210  1.00 57.13  ? 9   DG  B N7    1 
ATOM   433 C C5    . DG  B 1 9  ? -0.326  -7.499  -1.968  1.00 40.20  ? 9   DG  B C5    1 
ATOM   434 C C6    . DG  B 1 9  ? -1.527  -6.832  -1.618  1.00 33.40  ? 9   DG  B C6    1 
ATOM   435 O O6    . DG  B 1 9  ? -2.380  -6.328  -2.353  1.00 29.63  ? 9   DG  B O6    1 
ATOM   436 N N1    . DG  B 1 9  ? -1.705  -6.793  -0.245  1.00 37.92  ? 9   DG  B N1    1 
ATOM   437 C C2    . DG  B 1 9  ? -0.866  -7.354  0.677   1.00 42.93  ? 9   DG  B C2    1 
ATOM   438 N N2    . DG  B 1 9  ? -1.229  -7.225  1.959   1.00 48.08  ? 9   DG  B N2    1 
ATOM   439 N N3    . DG  B 1 9  ? 0.256   -7.975  0.370   1.00 49.34  ? 9   DG  B N3    1 
ATOM   440 C C4    . DG  B 1 9  ? 0.458   -8.018  -0.961  1.00 43.26  ? 9   DG  B C4    1 
ATOM   441 P P     . DG  B 1 10 ? 6.026   -8.503  0.495   1.00 57.39  ? 10  DG  B P     1 
ATOM   442 O OP1   . DG  B 1 10 ? 7.424   -8.952  0.469   1.00 61.42  ? 10  DG  B OP1   1 
ATOM   443 O OP2   . DG  B 1 10 ? 5.634   -7.457  1.469   1.00 45.70  ? 10  DG  B OP2   1 
ATOM   444 O "O5'" . DG  B 1 10 ? 5.557   -8.045  -0.957  1.00 47.65  ? 10  DG  B "O5'" 1 
ATOM   445 C "C5'" . DG  B 1 10 ? 5.706   -8.913  -2.086  1.00 48.19  ? 10  DG  B "C5'" 1 
ATOM   446 C "C4'" . DG  B 1 10 ? 5.517   -8.128  -3.364  1.00 55.17  ? 10  DG  B "C4'" 1 
ATOM   447 O "O4'" . DG  B 1 10 ? 4.216   -7.495  -3.392  1.00 50.95  ? 10  DG  B "O4'" 1 
ATOM   448 C "C3'" . DG  B 1 10 ? 6.533   -6.999  -3.556  1.00 57.40  ? 10  DG  B "C3'" 1 
ATOM   449 O "O3'" . DG  B 1 10 ? 6.994   -7.015  -4.918  1.00 70.11  ? 10  DG  B "O3'" 1 
ATOM   450 C "C2'" . DG  B 1 10 ? 5.757   -5.764  -3.136  1.00 51.40  ? 10  DG  B "C2'" 1 
ATOM   451 C "C1'" . DG  B 1 10 ? 4.358   -6.101  -3.606  1.00 45.94  ? 10  DG  B "C1'" 1 
ATOM   452 N N9    . DG  B 1 10 ? 3.286   -5.436  -2.879  1.00 38.01  ? 10  DG  B N9    1 
ATOM   453 C C8    . DG  B 1 10 ? 3.124   -5.411  -1.518  1.00 40.95  ? 10  DG  B C8    1 
ATOM   454 N N7    . DG  B 1 10 ? 2.043   -4.781  -1.144  1.00 41.45  ? 10  DG  B N7    1 
ATOM   455 C C5    . DG  B 1 10 ? 1.446   -4.385  -2.331  1.00 32.90  ? 10  DG  B C5    1 
ATOM   456 C C6    . DG  B 1 10 ? 0.232   -3.676  -2.566  1.00 41.40  ? 10  DG  B C6    1 
ATOM   457 O O6    . DG  B 1 10 ? -0.563  -3.201  -1.742  1.00 56.00  ? 10  DG  B O6    1 
ATOM   458 N N1    . DG  B 1 10 ? 0.020   -3.458  -3.921  1.00 37.36  ? 10  DG  B N1    1 
ATOM   459 C C2    . DG  B 1 10 ? 0.836   -3.904  -4.922  1.00 36.13  ? 10  DG  B C2    1 
ATOM   460 N N2    . DG  B 1 10 ? 0.442   -3.614  -6.166  1.00 48.43  ? 10  DG  B N2    1 
ATOM   461 N N3    . DG  B 1 10 ? 1.959   -4.575  -4.722  1.00 38.49  ? 10  DG  B N3    1 
ATOM   462 C C4    . DG  B 1 10 ? 2.203   -4.776  -3.410  1.00 37.25  ? 10  DG  B C4    1 
ATOM   463 P P     . DG  B 1 11 ? 7.791   -5.778  -5.557  1.00 65.00  ? 11  DG  B P     1 
ATOM   464 O OP1   . DG  B 1 11 ? 8.678   -6.323  -6.599  1.00 72.07  ? 11  DG  B OP1   1 
ATOM   465 O OP2   . DG  B 1 11 ? 8.347   -4.939  -4.477  1.00 47.34  ? 11  DG  B OP2   1 
ATOM   466 O "O5'" . DG  B 1 11 ? 6.634   -4.948  -6.250  1.00 51.31  ? 11  DG  B "O5'" 1 
ATOM   467 C "C5'" . DG  B 1 11 ? 6.598   -3.542  -6.091  1.00 48.80  ? 11  DG  B "C5'" 1 
ATOM   468 C "C4'" . DG  B 1 11 ? 6.243   -2.927  -7.418  1.00 51.97  ? 11  DG  B "C4'" 1 
ATOM   469 O "O4'" . DG  B 1 11 ? 4.826   -2.663  -7.473  1.00 50.35  ? 11  DG  B "O4'" 1 
ATOM   470 C "C3'" . DG  B 1 11 ? 6.939   -1.595  -7.700  1.00 53.83  ? 11  DG  B "C3'" 1 
ATOM   471 O "O3'" . DG  B 1 11 ? 7.284   -1.556  -9.080  1.00 58.78  ? 11  DG  B "O3'" 1 
ATOM   472 C "C2'" . DG  B 1 11 ? 5.857   -0.572  -7.458  1.00 46.48  ? 11  DG  B "C2'" 1 
ATOM   473 C "C1'" . DG  B 1 11 ? 4.634   -1.335  -7.925  1.00 48.44  ? 11  DG  B "C1'" 1 
ATOM   474 N N9    . DG  B 1 11 ? 3.439   -0.819  -7.286  1.00 48.24  ? 11  DG  B N9    1 
ATOM   475 C C8    . DG  B 1 11 ? 2.402   -0.120  -7.851  1.00 43.86  ? 11  DG  B C8    1 
ATOM   476 N N7    . DG  B 1 11 ? 1.506   0.255   -6.979  1.00 49.00  ? 11  DG  B N7    1 
ATOM   477 C C5    . DG  B 1 11 ? 1.988   -0.222  -5.767  1.00 45.89  ? 11  DG  B C5    1 
ATOM   478 C C6    . DG  B 1 11 ? 1.467   -0.099  -4.459  1.00 49.20  ? 11  DG  B C6    1 
ATOM   479 O O6    . DG  B 1 11 ? 0.427   0.465   -4.092  1.00 56.76  ? 11  DG  B O6    1 
ATOM   480 N N1    . DG  B 1 11 ? 2.299   -0.694  -3.518  1.00 42.26  ? 11  DG  B N1    1 
ATOM   481 C C2    . DG  B 1 11 ? 3.476   -1.333  -3.799  1.00 39.75  ? 11  DG  B C2    1 
ATOM   482 N N2    . DG  B 1 11 ? 4.138   -1.844  -2.754  1.00 46.80  ? 11  DG  B N2    1 
ATOM   483 N N3    . DG  B 1 11 ? 3.970   -1.460  -5.015  1.00 51.96  ? 11  DG  B N3    1 
ATOM   484 C C4    . DG  B 1 11 ? 3.184   -0.877  -5.942  1.00 45.57  ? 11  DG  B C4    1 
ATOM   485 P P     . DG  B 1 12 ? 8.302   -0.495  -9.596  1.00 57.56  ? 12  DG  B P     1 
ATOM   486 O OP1   . DG  B 1 12 ? 8.892   -1.045  -10.838 1.00 62.66  ? 12  DG  B OP1   1 
ATOM   487 O OP2   . DG  B 1 12 ? 9.167   -0.088  -8.459  1.00 56.30  ? 12  DG  B OP2   1 
ATOM   488 O "O5'" . DG  B 1 12 ? 7.342   0.726   -9.919  1.00 45.03  ? 12  DG  B "O5'" 1 
ATOM   489 C "C5'" . DG  B 1 12 ? 6.228   0.566   -10.783 1.00 40.25  ? 12  DG  B "C5'" 1 
ATOM   490 C "C4'" . DG  B 1 12 ? 5.464   1.866   -10.801 1.00 47.49  ? 12  DG  B "C4'" 1 
ATOM   491 O "O4'" . DG  B 1 12 ? 4.593   1.947   -9.653  1.00 46.97  ? 12  DG  B "O4'" 1 
ATOM   492 C "C3'" . DG  B 1 12 ? 6.348   3.115   -10.740 1.00 52.11  ? 12  DG  B "C3'" 1 
ATOM   493 O "O3'" . DG  B 1 12 ? 5.842   4.078   -11.672 1.00 58.43  ? 12  DG  B "O3'" 1 
ATOM   494 C "C2'" . DG  B 1 12 ? 6.204   3.575   -9.299  1.00 53.50  ? 12  DG  B "C2'" 1 
ATOM   495 C "C1'" . DG  B 1 12 ? 4.766   3.194   -9.015  1.00 47.87  ? 12  DG  B "C1'" 1 
ATOM   496 N N9    . DG  B 1 12 ? 4.401   3.038   -7.610  1.00 45.15  ? 12  DG  B N9    1 
ATOM   497 C C8    . DG  B 1 12 ? 5.137   2.443   -6.612  1.00 45.94  ? 12  DG  B C8    1 
ATOM   498 N N7    . DG  B 1 12 ? 4.521   2.429   -5.460  1.00 41.57  ? 12  DG  B N7    1 
ATOM   499 C C5    . DG  B 1 12 ? 3.310   3.060   -5.711  1.00 40.04  ? 12  DG  B C5    1 
ATOM   500 C C6    . DG  B 1 12 ? 2.230   3.350   -4.844  1.00 44.18  ? 12  DG  B C6    1 
ATOM   501 O O6    . DG  B 1 12 ? 2.134   3.128   -3.631  1.00 59.57  ? 12  DG  B O6    1 
ATOM   502 N N1    . DG  B 1 12 ? 1.193   3.989   -5.509  1.00 38.65  ? 12  DG  B N1    1 
ATOM   503 C C2    . DG  B 1 12 ? 1.186   4.302   -6.843  1.00 41.94  ? 12  DG  B C2    1 
ATOM   504 N N2    . DG  B 1 12 ? 0.091   4.934   -7.296  1.00 37.68  ? 12  DG  B N2    1 
ATOM   505 N N3    . DG  B 1 12 ? 2.185   4.031   -7.671  1.00 45.08  ? 12  DG  B N3    1 
ATOM   506 C C4    . DG  B 1 12 ? 3.215   3.428   -7.036  1.00 45.82  ? 12  DG  B C4    1 
HETATM 507 K K     . K   C 2 .  ? -2.244  -1.077  -2.326  1.00 59.34  ? 101 K   A K     1 
HETATM 508 K K     . K   D 2 .  ? 1.145   5.293   -2.075  1.00 60.16  ? 102 K   A K     1 
HETATM 509 K K     . K   E 2 .  ? -0.437  2.192   -2.086  1.00 60.56  ? 103 K   A K     1 
HETATM 510 K K     . K   F 2 .  ? -4.143  -3.785  -2.031  1.00 80.24  ? 104 K   A K     1 
HETATM 511 N NAB   . 61Q G 3 .  ? 12.031  -4.559  10.913  1.00 74.25  ? 105 61Q A NAB   1 
HETATM 512 C CAF   . 61Q G 3 .  ? 11.226  -4.686  12.100  1.00 72.24  ? 105 61Q A CAF   1 
HETATM 513 C CAD   . 61Q G 3 .  ? 10.054  -3.782  11.987  1.00 70.93  ? 105 61Q A CAD   1 
HETATM 514 C CAA   . 61Q G 3 .  ? 10.625  -2.410  11.913  1.00 74.94  ? 105 61Q A CAA   1 
HETATM 515 O OAW   . 61Q G 3 .  ? 10.022  -1.732  12.994  1.00 77.60  ? 105 61Q A OAW   1 
HETATM 516 C CCR   . 61Q G 3 .  ? 10.607  -0.556  13.349  1.00 81.39  ? 105 61Q A CCR   1 
HETATM 517 C CCQ   . 61Q G 3 .  ? 10.114  0.634   12.834  1.00 79.88  ? 105 61Q A CCQ   1 
HETATM 518 C CCP   . 61Q G 3 .  ? 10.703  1.831   13.220  1.00 76.89  ? 105 61Q A CCP   1 
HETATM 519 C COW   . 61Q G 3 .  ? 10.178  3.025   12.700  1.00 68.62  ? 105 61Q A COW   1 
HETATM 520 O OAX   . 61Q G 3 .  ? 9.420   3.003   11.700  1.00 63.29  ? 105 61Q A OAX   1 
HETATM 521 O OBI   . 61Q G 3 .  ? 10.372  4.116   13.285  1.00 66.11  ? 105 61Q A OBI   1 
HETATM 522 N NBH   . 61Q G 3 .  ? 11.741  1.800   14.108  1.00 91.80  ? 105 61Q A NBH   1 
HETATM 523 C CCO   . 61Q G 3 .  ? 12.258  0.650   14.644  1.00 87.22  ? 105 61Q A CCO   1 
HETATM 524 C CCS   . 61Q G 3 .  ? 11.678  -0.572  14.255  1.00 85.20  ? 105 61Q A CCS   1 
HETATM 525 C CCT   . 61Q G 3 .  ? 12.176  -1.764  14.779  1.00 81.02  ? 105 61Q A CCT   1 
HETATM 526 C CCU   . 61Q G 3 .  ? 13.242  -1.737  15.680  1.00 86.56  ? 105 61Q A CCU   1 
HETATM 527 C CCV   . 61Q G 3 .  ? 13.832  -0.536  16.079  1.00 78.47  ? 105 61Q A CCV   1 
HETATM 528 C CCN   . 61Q G 3 .  ? 13.348  0.666   15.563  1.00 82.95  ? 105 61Q A CCN   1 
HETATM 529 N NBG   . 61Q G 3 .  ? 13.845  1.890   15.886  1.00 93.89  ? 105 61Q A NBG   1 
HETATM 530 C CCM   . 61Q G 3 .  ? 14.301  2.189   17.138  1.00 91.58  ? 105 61Q A CCM   1 
HETATM 531 O OAV   . 61Q G 3 .  ? 14.304  1.394   18.087  1.00 86.87  ? 105 61Q A OAV   1 
HETATM 532 C CCF   . 61Q G 3 .  ? 14.608  3.547   17.363  1.00 95.76  ? 105 61Q A CCF   1 
HETATM 533 C CCG   . 61Q G 3 .  ? 15.323  3.967   18.485  1.00 90.91  ? 105 61Q A CCG   1 
HETATM 534 C CCH   . 61Q G 3 .  ? 15.535  5.330   18.661  1.00 88.86  ? 105 61Q A CCH   1 
HETATM 535 O OAU   . 61Q G 3 .  ? 16.238  5.795   19.716  1.00 85.69  ? 105 61Q A OAU   1 
HETATM 536 C CAH   . 61Q G 3 .  ? 17.607  5.638   19.443  1.00 83.97  ? 105 61Q A CAH   1 
HETATM 537 C CAK   . 61Q G 3 .  ? 18.308  6.801   20.112  1.00 81.14  ? 105 61Q A CAK   1 
HETATM 538 C CAL   . 61Q G 3 .  ? 19.019  6.278   21.369  1.00 76.17  ? 105 61Q A CAL   1 
HETATM 539 N NAE   . 61Q G 3 .  ? 18.400  6.814   22.605  1.00 76.57  ? 105 61Q A NAE   1 
HETATM 540 N NBF   . 61Q G 3 .  ? 14.126  4.489   16.509  1.00 100.10 ? 105 61Q A NBF   1 
HETATM 541 C CCE   . 61Q G 3 .  ? 14.319  5.825   16.652  1.00 106.05 ? 105 61Q A CCE   1 
HETATM 542 C CCI   . 61Q G 3 .  ? 15.048  6.275   17.754  1.00 100.62 ? 105 61Q A CCI   1 
HETATM 543 C CCJ   . 61Q G 3 .  ? 15.269  7.647   17.922  1.00 101.13 ? 105 61Q A CCJ   1 
HETATM 544 C CCK   . 61Q G 3 .  ? 14.762  8.563   16.995  1.00 101.03 ? 105 61Q A CCK   1 
HETATM 545 C CCL   . 61Q G 3 .  ? 14.031  8.126   15.893  1.00 96.66  ? 105 61Q A CCL   1 
HETATM 546 C CCD   . 61Q G 3 .  ? 13.764  6.760   15.741  1.00 104.99 ? 105 61Q A CCD   1 
HETATM 547 N NBE   . 61Q G 3 .  ? 13.167  6.260   14.648  1.00 113.64 ? 105 61Q A NBE   1 
HETATM 548 C CCC   . 61Q G 3 .  ? 12.289  6.889   13.825  1.00 111.65 ? 105 61Q A CCC   1 
HETATM 549 O OAR   . 61Q G 3 .  ? 11.662  7.918   14.063  1.00 119.07 ? 105 61Q A OAR   1 
HETATM 550 C CBV   . 61Q G 3 .  ? 12.202  6.239   12.594  1.00 103.12 ? 105 61Q A CBV   1 
HETATM 551 C CBW   . 61Q G 3 .  ? 11.505  6.754   11.495  1.00 94.91  ? 105 61Q A CBW   1 
HETATM 552 C CBX   . 61Q G 3 .  ? 11.546  6.030   10.296  1.00 103.70 ? 105 61Q A CBX   1 
HETATM 553 O OAN   . 61Q G 3 .  ? 10.896  6.403   9.158   1.00 98.57  ? 105 61Q A OAN   1 
HETATM 554 C CAM   . 61Q G 3 .  ? 9.646   5.782   9.019   1.00 102.75 ? 105 61Q A CAM   1 
HETATM 555 C CAO   . 61Q G 3 .  ? 9.181   6.117   7.623   1.00 100.77 ? 105 61Q A CAO   1 
HETATM 556 C CAP   . 61Q G 3 .  ? 8.487   7.460   7.723   1.00 104.57 ? 105 61Q A CAP   1 
HETATM 557 N NAG   . 61Q G 3 .  ? 7.361   7.556   6.764   1.00 103.06 ? 105 61Q A NAG   1 
HETATM 558 N NBD   . 61Q G 3 .  ? 12.943  5.111   12.452  1.00 100.71 ? 105 61Q A NBD   1 
HETATM 559 C CBU   . 61Q G 3 .  ? 12.994  4.406   11.307  1.00 104.92 ? 105 61Q A CBU   1 
HETATM 560 C CBY   . 61Q G 3 .  ? 12.291  4.859   10.193  1.00 104.33 ? 105 61Q A CBY   1 
HETATM 561 C CBZ   . 61Q G 3 .  ? 12.329  4.143   8.990   1.00 103.15 ? 105 61Q A CBZ   1 
HETATM 562 C CCA   . 61Q G 3 .  ? 13.061  2.971   8.885   1.00 100.11 ? 105 61Q A CCA   1 
HETATM 563 C CCB   . 61Q G 3 .  ? 13.761  2.513   9.988   1.00 104.17 ? 105 61Q A CCB   1 
HETATM 564 C CBT   . 61Q G 3 .  ? 13.693  3.201   11.201  1.00 100.68 ? 105 61Q A CBT   1 
HETATM 565 N NBC   . 61Q G 3 .  ? 14.427  2.794   12.228  1.00 93.26  ? 105 61Q A NBC   1 
HETATM 566 C CBS   . 61Q G 3 .  ? 14.549  1.506   12.671  1.00 93.38  ? 105 61Q A CBS   1 
HETATM 567 O OAJ   . 61Q G 3 .  ? 13.890  0.484   12.389  1.00 77.90  ? 105 61Q A OAJ   1 
HETATM 568 C CBQ   . 61Q G 3 .  ? 15.630  1.466   13.525  1.00 91.77  ? 105 61Q A CBQ   1 
HETATM 569 C CBR   . 61Q G 3 .  ? 16.056  0.335   14.207  1.00 98.69  ? 105 61Q A CBR   1 
HETATM 570 N NBB   . 61Q G 3 .  ? 16.310  2.617   13.596  1.00 87.68  ? 105 61Q A NBB   1 
HETATM 571 C CBP   . 61Q G 3 .  ? 17.412  2.756   14.341  1.00 98.60  ? 105 61Q A CBP   1 
HETATM 572 C CBO   . 61Q G 3 .  ? 18.074  3.989   14.371  1.00 98.57  ? 105 61Q A CBO   1 
HETATM 573 N NBA   . 61Q G 3 .  ? 17.531  4.961   13.619  1.00 87.53  ? 105 61Q A NBA   1 
HETATM 574 O OAY   . 61Q G 3 .  ? 17.886  5.048   12.128  1.00 65.68  ? 105 61Q A OAY   1 
HETATM 575 O OAZ   . 61Q G 3 .  ? 16.602  5.756   14.189  1.00 89.97  ? 105 61Q A OAZ   1 
HETATM 576 C CBN   . 61Q G 3 .  ? 19.224  4.151   15.153  1.00 108.70 ? 105 61Q A CBN   1 
HETATM 577 C CBM   . 61Q G 3 .  ? 19.714  3.067   15.893  1.00 103.38 ? 105 61Q A CBM   1 
HETATM 578 C CBL   . 61Q G 3 .  ? 19.052  1.832   15.856  1.00 107.39 ? 105 61Q A CBL   1 
HETATM 579 C CBK   . 61Q G 3 .  ? 17.893  1.668   15.078  1.00 104.98 ? 105 61Q A CBK   1 
HETATM 580 C CBJ   . 61Q G 3 .  ? 17.198  0.448   15.007  1.00 108.21 ? 105 61Q A CBJ   1 
HETATM 581 O OAC   . 61Q G 3 .  ? 17.704  -0.586  15.748  1.00 119.15 ? 105 61Q A OAC   1 
HETATM 582 C CAQ   . 61Q G 3 .  ? 17.188  -1.875  15.485  1.00 133.34 ? 105 61Q A CAQ   1 
HETATM 583 C CAS   . 61Q G 3 .  ? 18.083  -2.832  16.232  1.00 129.44 ? 105 61Q A CAS   1 
HETATM 584 C CAT   . 61Q G 3 .  ? 17.529  -4.237  16.059  1.00 122.40 ? 105 61Q A CAT   1 
HETATM 585 N NAI   . 61Q G 3 .  ? 18.631  -5.218  16.203  1.00 116.96 ? 105 61Q A NAI   1 
HETATM 586 O O     . HOH H 4 .  ? 4.971   1.416   5.794   1.00 53.47  ? 201 HOH A O     1 
HETATM 587 O O     . HOH H 4 .  ? -4.914  -5.029  12.897  1.00 46.75  ? 202 HOH A O     1 
HETATM 588 O O     . HOH H 4 .  ? 0.648   -0.019  -15.340 1.00 43.37  ? 203 HOH A O     1 
HETATM 589 O O     . HOH H 4 .  ? 9.499   -6.195  14.011  1.00 52.16  ? 204 HOH A O     1 
HETATM 590 O O     . HOH H 4 .  ? 10.804  -5.896  15.889  1.00 40.48  ? 205 HOH A O     1 
HETATM 591 O O     . HOH H 4 .  ? 18.238  10.030  10.151  1.00 48.94  ? 206 HOH A O     1 
HETATM 592 O O     . HOH I 4 .  ? -13.106 5.127   3.505   1.00 41.76  ? 101 HOH B O     1 
HETATM 593 O O     . HOH I 4 .  ? -9.884  4.048   8.815   1.00 69.06  ? 102 HOH B O     1 
HETATM 594 O O     . HOH I 4 .  ? -16.879 -1.521  1.996   1.00 51.79  ? 103 HOH B O     1 
HETATM 595 O O     . HOH I 4 .  ? -4.794  -10.360 3.633   1.00 35.69  ? 104 HOH B O     1 
# 
